data_1L3A
#
_entry.id   1L3A
#
_cell.length_a   69.869
_cell.length_b   89.807
_cell.length_c   144.390
_cell.angle_alpha   90.00
_cell.angle_beta   90.00
_cell.angle_gamma   90.00
#
_symmetry.space_group_name_H-M   'P 21 21 21'
#
loop_
_entity.id
_entity.type
_entity.pdbx_description
1 polymer 'p24: plant transcriptional regulator PBF-2'
2 water water
#
_entity_poly.entity_id   1
_entity_poly.type   'polypeptide(L)'
_entity_poly.pdbx_seq_one_letter_code
;MASMTGGQQMGRGSDYFEPQQQQQQQQQQPQGASTPKVFVGYSIYKGKAALTVEPRSPEFSPLDSGAFKLSREGMVMLQF
APAAGVRQYDWSRKQVFSLSVTEIGSIISLGTKDSCEFFHDPNKGRSDEGRVRKVLKVEPLPDGSGHFFNLSVQNKLINL
DENIYIPVTKAEFAVLVSAFNFVMPYLLGWHTAVNSFKPEDASRSNNANPRSGAELEWNLEHHHHHH
;
_entity_poly.pdbx_strand_id   A,B,C,D
#
# COMPACT_ATOMS: atom_id res chain seq x y z
N THR A 35 12.01 -3.63 -22.09
CA THR A 35 10.54 -3.86 -22.17
C THR A 35 9.91 -2.97 -23.22
N PRO A 36 8.78 -3.39 -23.80
CA PRO A 36 8.08 -2.61 -24.82
C PRO A 36 7.30 -1.43 -24.23
N LYS A 37 6.62 -0.69 -25.09
CA LYS A 37 5.84 0.46 -24.68
C LYS A 37 4.38 0.10 -24.50
N VAL A 38 3.81 0.41 -23.34
CA VAL A 38 2.41 0.11 -23.08
C VAL A 38 1.65 1.35 -22.67
N PHE A 39 0.50 1.56 -23.31
CA PHE A 39 -0.35 2.72 -23.01
C PHE A 39 -1.47 2.36 -22.06
N VAL A 40 -1.31 2.72 -20.80
CA VAL A 40 -2.34 2.44 -19.82
C VAL A 40 -3.12 3.72 -19.62
N GLY A 41 -4.01 3.74 -18.66
CA GLY A 41 -4.79 4.94 -18.45
C GLY A 41 -6.15 4.56 -17.94
N TYR A 42 -6.44 4.97 -16.72
CA TYR A 42 -7.71 4.68 -16.09
C TYR A 42 -8.71 5.75 -16.50
N SER A 43 -9.85 5.33 -17.04
CA SER A 43 -10.86 6.28 -17.49
C SER A 43 -12.18 6.17 -16.76
N ILE A 44 -12.82 7.33 -16.60
CA ILE A 44 -14.11 7.44 -15.94
C ILE A 44 -15.04 8.11 -16.96
N TYR A 45 -16.14 7.44 -17.26
CA TYR A 45 -17.10 7.95 -18.24
C TYR A 45 -18.43 8.34 -17.62
N LYS A 46 -18.81 9.60 -17.77
CA LYS A 46 -20.08 10.07 -17.21
C LYS A 46 -20.91 10.86 -18.23
N GLY A 47 -22.09 11.30 -17.80
CA GLY A 47 -23.00 12.05 -18.66
C GLY A 47 -22.46 13.21 -19.50
N LYS A 48 -21.87 14.21 -18.86
CA LYS A 48 -21.37 15.38 -19.58
C LYS A 48 -19.91 15.31 -20.00
N ALA A 49 -19.15 14.40 -19.41
CA ALA A 49 -17.74 14.29 -19.75
C ALA A 49 -17.08 13.00 -19.33
N ALA A 50 -15.85 12.82 -19.79
CA ALA A 50 -15.03 11.65 -19.49
C ALA A 50 -13.67 12.15 -19.02
N LEU A 51 -13.00 11.31 -18.22
CA LEU A 51 -11.69 11.69 -17.69
C LEU A 51 -10.72 10.51 -17.69
N THR A 52 -9.56 10.70 -18.31
CA THR A 52 -8.53 9.66 -18.37
C THR A 52 -7.34 10.07 -17.51
N VAL A 53 -6.78 9.10 -16.79
CA VAL A 53 -5.65 9.32 -15.87
C VAL A 53 -4.48 8.40 -16.24
N GLU A 54 -3.34 9.01 -16.54
CA GLU A 54 -2.13 8.29 -16.93
C GLU A 54 -0.91 8.82 -16.21
N PRO A 55 0.03 7.94 -15.84
CA PRO A 55 1.24 8.43 -15.17
C PRO A 55 2.25 8.88 -16.22
N ARG A 56 3.19 9.74 -15.85
CA ARG A 56 4.20 10.22 -16.78
C ARG A 56 5.57 10.12 -16.13
N SER A 57 6.49 9.46 -16.83
CA SER A 57 7.84 9.21 -16.34
C SER A 57 8.65 10.38 -15.86
N PRO A 58 9.54 10.13 -14.90
CA PRO A 58 10.44 11.14 -14.31
C PRO A 58 11.51 11.35 -15.38
N GLU A 59 12.32 12.38 -15.24
CA GLU A 59 13.38 12.66 -16.21
C GLU A 59 14.72 12.51 -15.50
N PHE A 60 15.69 11.89 -16.15
CA PHE A 60 17.01 11.70 -15.55
C PHE A 60 18.13 12.40 -16.31
N SER A 61 19.20 12.75 -15.59
CA SER A 61 20.37 13.41 -16.18
C SER A 61 21.60 12.54 -16.01
N PRO A 62 22.37 12.36 -17.10
CA PRO A 62 23.58 11.54 -17.04
C PRO A 62 24.64 12.19 -16.17
N LEU A 63 25.41 11.36 -15.46
CA LEU A 63 26.46 11.86 -14.58
C LEU A 63 27.84 11.30 -14.87
N ASP A 64 28.63 11.10 -13.83
CA ASP A 64 29.98 10.59 -13.97
C ASP A 64 30.02 9.09 -14.26
N SER A 65 30.85 8.37 -13.50
CA SER A 65 30.99 6.94 -13.68
C SER A 65 29.68 6.17 -13.54
N GLY A 66 29.05 5.87 -14.67
CA GLY A 66 27.80 5.13 -14.70
C GLY A 66 26.75 5.52 -13.68
N ALA A 67 26.70 6.81 -13.34
CA ALA A 67 25.72 7.27 -12.36
C ALA A 67 24.70 8.20 -13.01
N PHE A 68 23.50 8.24 -12.44
CA PHE A 68 22.43 9.09 -12.94
C PHE A 68 21.78 9.88 -11.81
N LYS A 69 21.19 11.00 -12.17
CA LYS A 69 20.54 11.87 -11.21
C LYS A 69 19.19 12.33 -11.75
N LEU A 70 18.12 12.13 -10.98
CA LEU A 70 16.79 12.54 -11.42
C LEU A 70 16.77 14.05 -11.52
N SER A 71 16.34 14.56 -12.67
CA SER A 71 16.28 16.00 -12.91
C SER A 71 14.86 16.56 -12.88
N ARG A 72 13.88 15.75 -13.27
CA ARG A 72 12.49 16.20 -13.28
C ARG A 72 11.55 15.10 -12.80
N GLU A 73 10.75 15.40 -11.78
CA GLU A 73 9.79 14.45 -11.23
C GLU A 73 8.79 14.01 -12.28
N GLY A 74 8.19 12.85 -12.03
CA GLY A 74 7.17 12.36 -12.93
C GLY A 74 5.88 12.98 -12.43
N MET A 75 4.80 12.79 -13.16
CA MET A 75 3.54 13.36 -12.75
C MET A 75 2.40 12.54 -13.32
N VAL A 76 1.18 12.89 -12.93
CA VAL A 76 0.00 12.21 -13.45
C VAL A 76 -0.71 13.20 -14.37
N MET A 77 -1.07 12.74 -15.56
CA MET A 77 -1.76 13.59 -16.53
C MET A 77 -3.24 13.28 -16.50
N LEU A 78 -4.04 14.33 -16.36
CA LEU A 78 -5.50 14.21 -16.35
C LEU A 78 -6.04 14.74 -17.69
N GLN A 79 -6.92 13.97 -18.33
CA GLN A 79 -7.50 14.39 -19.59
C GLN A 79 -9.02 14.45 -19.50
N PHE A 80 -9.59 15.63 -19.73
CA PHE A 80 -11.04 15.80 -19.68
C PHE A 80 -11.62 16.00 -21.08
N ALA A 81 -12.69 15.26 -21.37
CA ALA A 81 -13.35 15.37 -22.67
C ALA A 81 -14.84 15.60 -22.54
N PRO A 82 -15.38 16.52 -23.35
CA PRO A 82 -16.82 16.82 -23.31
C PRO A 82 -17.56 15.68 -23.98
N ALA A 83 -18.76 15.37 -23.49
CA ALA A 83 -19.56 14.30 -24.08
C ALA A 83 -20.28 14.81 -25.32
N ALA A 84 -19.98 14.21 -26.46
CA ALA A 84 -20.61 14.60 -27.72
C ALA A 84 -22.06 14.13 -27.73
N GLY A 85 -22.31 13.02 -28.42
CA GLY A 85 -23.65 12.47 -28.51
C GLY A 85 -23.62 11.00 -28.16
N VAL A 86 -24.81 10.39 -28.00
CA VAL A 86 -24.92 8.97 -27.67
C VAL A 86 -23.84 8.60 -26.65
N ARG A 87 -23.60 9.52 -25.72
CA ARG A 87 -22.60 9.37 -24.67
C ARG A 87 -21.24 8.86 -25.16
N GLN A 88 -20.72 9.57 -26.15
CA GLN A 88 -19.41 9.29 -26.72
C GLN A 88 -18.68 10.59 -26.37
N TYR A 89 -17.38 10.67 -26.64
CA TYR A 89 -16.68 11.88 -26.28
C TYR A 89 -15.75 12.44 -27.35
N ASP A 90 -15.79 13.76 -27.53
CA ASP A 90 -14.95 14.40 -28.52
C ASP A 90 -13.60 14.79 -27.91
N TRP A 91 -12.65 13.87 -28.00
CA TRP A 91 -11.33 14.12 -27.46
C TRP A 91 -10.56 15.11 -28.31
N SER A 92 -11.27 15.76 -29.24
CA SER A 92 -10.67 16.76 -30.11
C SER A 92 -10.54 18.05 -29.31
N ARG A 93 -11.55 18.31 -28.49
CA ARG A 93 -11.55 19.52 -27.66
C ARG A 93 -11.40 19.12 -26.19
N LYS A 94 -10.47 18.21 -25.93
CA LYS A 94 -10.19 17.73 -24.59
C LYS A 94 -9.16 18.62 -23.93
N GLN A 95 -9.28 18.80 -22.62
CA GLN A 95 -8.36 19.64 -21.88
C GLN A 95 -7.57 18.76 -20.91
N VAL A 96 -6.27 19.03 -20.79
CA VAL A 96 -5.43 18.25 -19.90
C VAL A 96 -4.89 19.08 -18.75
N PHE A 97 -4.66 18.42 -17.62
CA PHE A 97 -4.12 19.08 -16.43
C PHE A 97 -3.06 18.17 -15.82
N SER A 98 -1.88 18.72 -15.55
CA SER A 98 -0.79 17.96 -14.95
C SER A 98 -0.85 18.02 -13.43
N LEU A 99 -0.70 16.87 -12.80
CA LEU A 99 -0.70 16.79 -11.33
C LEU A 99 0.71 16.48 -10.88
N SER A 100 1.32 17.42 -10.18
CA SER A 100 2.66 17.21 -9.69
C SER A 100 2.56 16.31 -8.46
N VAL A 101 3.69 15.84 -7.97
CA VAL A 101 3.72 14.97 -6.82
C VAL A 101 3.05 15.55 -5.58
N THR A 102 3.28 16.83 -5.29
CA THR A 102 2.70 17.50 -4.12
C THR A 102 1.19 17.64 -4.25
N GLU A 103 0.72 17.84 -5.48
CA GLU A 103 -0.69 17.98 -5.75
C GLU A 103 -1.37 16.62 -5.60
N ILE A 104 -0.65 15.56 -5.97
CA ILE A 104 -1.18 14.22 -5.84
C ILE A 104 -1.37 13.97 -4.35
N GLY A 105 -0.45 14.52 -3.55
CA GLY A 105 -0.55 14.37 -2.11
C GLY A 105 -1.83 14.99 -1.57
N SER A 106 -2.29 16.07 -2.21
CA SER A 106 -3.51 16.72 -1.79
C SER A 106 -4.72 15.82 -2.02
N ILE A 107 -4.68 15.10 -3.13
CA ILE A 107 -5.77 14.20 -3.48
C ILE A 107 -5.87 12.99 -2.57
N ILE A 108 -4.73 12.37 -2.26
CA ILE A 108 -4.76 11.17 -1.42
C ILE A 108 -5.00 11.40 0.06
N SER A 109 -4.88 12.64 0.51
CA SER A 109 -5.11 12.94 1.92
C SER A 109 -6.37 13.77 2.07
N LEU A 110 -7.20 13.76 1.03
CA LEU A 110 -8.44 14.51 1.03
C LEU A 110 -9.53 13.72 1.77
N GLY A 111 -10.14 14.36 2.76
CA GLY A 111 -11.19 13.70 3.52
C GLY A 111 -12.53 13.70 2.84
N THR A 112 -13.54 13.20 3.54
CA THR A 112 -14.89 13.11 3.02
C THR A 112 -15.48 14.48 2.68
N LYS A 113 -15.27 15.45 3.57
CA LYS A 113 -15.79 16.81 3.37
C LYS A 113 -14.74 17.85 3.00
N ASP A 114 -13.56 17.41 2.60
CA ASP A 114 -12.51 18.36 2.24
C ASP A 114 -12.48 18.73 0.75
N SER A 115 -11.83 19.85 0.45
CA SER A 115 -11.69 20.35 -0.91
C SER A 115 -10.26 20.79 -1.15
N CYS A 116 -9.91 20.96 -2.41
CA CYS A 116 -8.57 21.44 -2.79
C CYS A 116 -8.67 22.10 -4.15
N GLU A 117 -7.81 23.06 -4.44
CA GLU A 117 -7.86 23.76 -5.71
C GLU A 117 -6.45 24.00 -6.22
N PHE A 118 -6.21 23.72 -7.51
CA PHE A 118 -4.89 23.91 -8.07
C PHE A 118 -4.93 24.94 -9.20
N PHE A 119 -4.03 25.93 -9.16
CA PHE A 119 -3.96 26.96 -10.19
C PHE A 119 -2.68 26.82 -10.99
N HIS A 120 -2.81 26.71 -12.32
CA HIS A 120 -1.63 26.59 -13.17
C HIS A 120 -1.58 27.70 -14.21
N ASP A 121 -0.55 28.55 -14.11
CA ASP A 121 -0.37 29.66 -15.03
C ASP A 121 1.01 29.61 -15.67
N PRO A 122 1.07 29.34 -17.00
CA PRO A 122 2.34 29.27 -17.73
C PRO A 122 3.24 30.48 -17.50
N ASN A 123 2.62 31.64 -17.26
CA ASN A 123 3.36 32.88 -17.02
C ASN A 123 3.47 33.18 -15.53
N LYS A 124 4.31 32.40 -14.85
CA LYS A 124 4.53 32.56 -13.42
C LYS A 124 4.80 34.00 -12.98
N GLY A 125 5.34 34.79 -13.90
CA GLY A 125 5.64 36.18 -13.57
C GLY A 125 6.98 36.64 -14.09
N ARG A 126 7.65 35.80 -14.87
CA ARG A 126 8.95 36.15 -15.43
C ARG A 126 8.74 36.89 -16.76
N SER A 127 8.00 36.28 -17.67
CA SER A 127 7.70 36.87 -18.97
C SER A 127 6.76 38.06 -18.77
N ASP A 128 5.46 37.78 -18.79
CA ASP A 128 4.45 38.81 -18.57
C ASP A 128 3.49 38.33 -17.50
N GLU A 129 2.43 39.09 -17.24
CA GLU A 129 1.47 38.73 -16.21
C GLU A 129 0.76 37.43 -16.61
N GLY A 130 0.40 37.33 -17.88
CA GLY A 130 -0.27 36.12 -18.38
C GLY A 130 -1.71 35.99 -17.93
N ARG A 131 -2.60 35.70 -18.89
CA ARG A 131 -4.00 35.52 -18.59
C ARG A 131 -4.42 34.09 -18.92
N VAL A 132 -3.49 33.33 -19.49
CA VAL A 132 -3.74 31.94 -19.84
C VAL A 132 -3.63 31.15 -18.53
N ARG A 133 -4.76 30.68 -18.04
CA ARG A 133 -4.76 29.94 -16.78
C ARG A 133 -5.62 28.69 -16.79
N LYS A 134 -5.23 27.73 -15.97
CA LYS A 134 -5.95 26.48 -15.81
C LYS A 134 -6.14 26.26 -14.32
N VAL A 135 -7.37 25.94 -13.94
CA VAL A 135 -7.68 25.71 -12.54
C VAL A 135 -8.49 24.44 -12.31
N LEU A 136 -7.94 23.54 -11.50
CA LEU A 136 -8.61 22.28 -11.17
C LEU A 136 -9.16 22.39 -9.76
N LYS A 137 -10.42 22.00 -9.61
CA LYS A 137 -11.10 22.07 -8.33
C LYS A 137 -11.69 20.71 -7.97
N VAL A 138 -11.45 20.28 -6.74
CA VAL A 138 -11.99 19.01 -6.29
C VAL A 138 -12.77 19.29 -5.03
N GLU A 139 -14.07 19.05 -5.07
CA GLU A 139 -14.93 19.31 -3.92
C GLU A 139 -15.95 18.22 -3.73
N PRO A 140 -16.43 18.00 -2.50
CA PRO A 140 -17.42 16.96 -2.25
C PRO A 140 -18.73 17.20 -2.98
N LEU A 141 -19.33 16.12 -3.44
CA LEU A 141 -20.61 16.16 -4.15
C LEU A 141 -21.71 16.56 -3.16
N PRO A 142 -22.83 17.11 -3.68
CA PRO A 142 -23.93 17.51 -2.80
C PRO A 142 -24.48 16.34 -1.97
N ASP A 143 -24.79 15.23 -2.63
CA ASP A 143 -25.33 14.07 -1.95
C ASP A 143 -24.30 13.31 -1.12
N GLY A 144 -23.07 13.83 -1.09
CA GLY A 144 -22.00 13.20 -0.33
C GLY A 144 -21.63 11.78 -0.75
N SER A 145 -21.76 11.48 -2.04
CA SER A 145 -21.45 10.16 -2.55
C SER A 145 -20.04 10.11 -3.16
N GLY A 146 -19.28 11.19 -2.98
CA GLY A 146 -17.94 11.27 -3.52
C GLY A 146 -17.51 12.71 -3.75
N HIS A 147 -16.69 12.93 -4.77
CA HIS A 147 -16.23 14.26 -5.08
C HIS A 147 -16.42 14.51 -6.56
N PHE A 148 -16.29 15.76 -6.98
CA PHE A 148 -16.41 16.05 -8.39
C PHE A 148 -15.13 16.76 -8.83
N PHE A 149 -14.72 16.52 -10.06
CA PHE A 149 -13.52 17.15 -10.59
C PHE A 149 -13.94 18.22 -11.59
N ASN A 150 -13.50 19.46 -11.36
CA ASN A 150 -13.85 20.55 -12.26
C ASN A 150 -12.63 21.31 -12.79
N LEU A 151 -12.50 21.37 -14.11
CA LEU A 151 -11.37 22.06 -14.74
C LEU A 151 -11.80 23.33 -15.48
N SER A 152 -11.09 24.42 -15.24
CA SER A 152 -11.36 25.69 -15.90
C SER A 152 -10.17 26.06 -16.77
N VAL A 153 -10.42 26.34 -18.04
CA VAL A 153 -9.34 26.73 -18.93
C VAL A 153 -9.71 28.07 -19.55
N GLN A 154 -8.75 28.97 -19.60
CA GLN A 154 -8.99 30.29 -20.16
C GLN A 154 -7.71 30.95 -20.66
N ASN A 155 -7.80 31.59 -21.82
CA ASN A 155 -6.65 32.28 -22.38
C ASN A 155 -7.16 33.42 -23.27
N LYS A 156 -6.64 34.62 -23.03
CA LYS A 156 -7.03 35.80 -23.78
C LYS A 156 -6.63 35.72 -25.26
N LEU A 157 -5.56 34.97 -25.53
CA LEU A 157 -5.06 34.82 -26.90
C LEU A 157 -6.09 34.38 -27.93
N ILE A 158 -6.97 33.45 -27.56
CA ILE A 158 -7.97 32.97 -28.51
C ILE A 158 -9.38 33.12 -27.93
N ASN A 159 -9.49 33.95 -26.90
CA ASN A 159 -10.76 34.22 -26.22
C ASN A 159 -11.46 32.93 -25.81
N LEU A 160 -10.69 32.02 -25.24
CA LEU A 160 -11.20 30.73 -24.78
C LEU A 160 -11.64 30.83 -23.32
N ASP A 161 -12.72 30.13 -22.98
CA ASP A 161 -13.25 30.13 -21.61
C ASP A 161 -14.11 28.88 -21.44
N GLU A 162 -13.45 27.75 -21.19
CA GLU A 162 -14.14 26.48 -21.01
C GLU A 162 -14.19 26.03 -19.56
N ASN A 163 -15.10 25.11 -19.29
CA ASN A 163 -15.25 24.57 -17.95
C ASN A 163 -15.84 23.17 -18.03
N ILE A 164 -15.01 22.15 -17.85
CA ILE A 164 -15.48 20.77 -17.91
C ILE A 164 -15.59 20.22 -16.48
N TYR A 165 -16.79 19.74 -16.17
CA TYR A 165 -17.12 19.20 -14.86
C TYR A 165 -17.35 17.70 -14.97
N ILE A 166 -16.99 16.96 -13.92
CA ILE A 166 -17.19 15.51 -13.92
C ILE A 166 -17.23 14.96 -12.51
N PRO A 167 -18.25 14.16 -12.22
CA PRO A 167 -18.41 13.56 -10.89
C PRO A 167 -17.65 12.26 -10.72
N VAL A 168 -17.04 12.10 -9.56
CA VAL A 168 -16.27 10.90 -9.22
C VAL A 168 -16.84 10.27 -7.95
N THR A 169 -17.35 9.04 -8.07
CA THR A 169 -17.93 8.33 -6.95
C THR A 169 -16.88 7.98 -5.92
N LYS A 170 -17.33 7.59 -4.73
CA LYS A 170 -16.41 7.23 -3.66
C LYS A 170 -15.58 6.01 -4.05
N ALA A 171 -16.19 5.10 -4.79
CA ALA A 171 -15.53 3.87 -5.24
C ALA A 171 -14.44 4.17 -6.27
N GLU A 172 -14.72 5.11 -7.17
CA GLU A 172 -13.76 5.48 -8.20
C GLU A 172 -12.65 6.35 -7.60
N PHE A 173 -12.97 7.07 -6.53
CA PHE A 173 -11.99 7.92 -5.88
C PHE A 173 -10.98 7.00 -5.24
N ALA A 174 -11.47 5.91 -4.65
CA ALA A 174 -10.60 4.95 -3.97
C ALA A 174 -9.64 4.29 -4.96
N VAL A 175 -10.08 4.07 -6.20
CA VAL A 175 -9.22 3.48 -7.22
C VAL A 175 -8.09 4.48 -7.51
N LEU A 176 -8.43 5.78 -7.55
CA LEU A 176 -7.42 6.82 -7.80
C LEU A 176 -6.41 6.87 -6.65
N VAL A 177 -6.91 6.98 -5.42
CA VAL A 177 -6.06 7.02 -4.25
C VAL A 177 -5.10 5.82 -4.27
N SER A 178 -5.65 4.61 -4.42
CA SER A 178 -4.86 3.41 -4.48
C SER A 178 -3.79 3.49 -5.60
N ALA A 179 -4.22 3.92 -6.79
CA ALA A 179 -3.31 4.04 -7.92
C ALA A 179 -2.24 5.12 -7.71
N PHE A 180 -2.64 6.23 -7.10
CA PHE A 180 -1.73 7.34 -6.83
C PHE A 180 -0.71 6.98 -5.76
N ASN A 181 -1.14 6.22 -4.77
CA ASN A 181 -0.24 5.79 -3.71
C ASN A 181 0.81 4.85 -4.27
N PHE A 182 0.43 4.02 -5.24
CA PHE A 182 1.38 3.11 -5.83
C PHE A 182 2.37 3.81 -6.75
N VAL A 183 1.87 4.74 -7.55
CA VAL A 183 2.71 5.42 -8.52
C VAL A 183 3.67 6.43 -7.92
N MET A 184 3.25 7.03 -6.82
CA MET A 184 4.04 8.04 -6.13
C MET A 184 5.54 7.82 -6.02
N PRO A 185 5.97 6.75 -5.35
CA PRO A 185 7.42 6.53 -5.25
C PRO A 185 8.13 6.42 -6.60
N TYR A 186 7.40 5.95 -7.62
CA TYR A 186 7.99 5.82 -8.95
C TYR A 186 8.13 7.18 -9.64
N LEU A 187 7.23 8.11 -9.35
CA LEU A 187 7.32 9.42 -9.97
C LEU A 187 8.53 10.12 -9.37
N LEU A 188 8.90 9.72 -8.16
CA LEU A 188 10.06 10.29 -7.47
C LEU A 188 11.35 9.54 -7.84
N GLY A 189 11.22 8.40 -8.51
CA GLY A 189 12.39 7.62 -8.89
C GLY A 189 12.97 6.79 -7.76
N TRP A 190 12.27 6.71 -6.63
CA TRP A 190 12.78 5.93 -5.51
C TRP A 190 12.89 4.43 -5.80
N HIS A 191 12.19 3.95 -6.81
CA HIS A 191 12.27 2.53 -7.17
C HIS A 191 13.65 2.22 -7.79
N THR A 192 14.22 3.15 -8.53
CA THR A 192 15.53 2.90 -9.12
C THR A 192 16.57 2.88 -8.01
N ALA A 193 16.32 3.67 -6.97
CA ALA A 193 17.25 3.70 -5.85
C ALA A 193 17.19 2.41 -5.03
N VAL A 194 15.99 1.99 -4.63
CA VAL A 194 15.87 0.79 -3.83
C VAL A 194 16.28 -0.49 -4.52
N ASN A 195 16.36 -0.48 -5.86
CA ASN A 195 16.77 -1.68 -6.58
C ASN A 195 18.24 -2.00 -6.34
N SER A 196 18.97 -1.05 -5.74
CA SER A 196 20.38 -1.28 -5.43
C SER A 196 20.58 -1.67 -3.96
N PHE A 197 19.47 -1.71 -3.20
CA PHE A 197 19.54 -2.07 -1.78
C PHE A 197 19.57 -3.60 -1.72
N LYS A 198 20.72 -4.19 -2.02
CA LYS A 198 20.86 -5.65 -2.02
C LYS A 198 22.31 -6.10 -1.84
N PRO A 199 22.53 -7.36 -1.42
CA PRO A 199 23.87 -7.91 -1.22
C PRO A 199 24.85 -7.59 -2.35
N GLU A 200 26.08 -7.25 -1.96
CA GLU A 200 27.20 -6.90 -2.86
C GLU A 200 27.50 -5.40 -2.85
N THR B 35 7.22 -21.74 -12.52
CA THR B 35 7.91 -20.44 -12.75
C THR B 35 7.03 -19.47 -13.54
N PRO B 36 6.41 -19.94 -14.64
CA PRO B 36 5.55 -19.03 -15.41
C PRO B 36 4.22 -18.79 -14.69
N LYS B 37 3.19 -19.52 -15.10
CA LYS B 37 1.87 -19.38 -14.49
C LYS B 37 1.80 -20.18 -13.20
N VAL B 38 1.10 -19.61 -12.22
CA VAL B 38 0.92 -20.27 -10.92
C VAL B 38 -0.47 -19.89 -10.41
N PHE B 39 -1.14 -20.83 -9.76
CA PHE B 39 -2.47 -20.56 -9.24
C PHE B 39 -2.44 -20.25 -7.76
N VAL B 40 -2.90 -19.06 -7.44
CA VAL B 40 -2.94 -18.59 -6.06
C VAL B 40 -4.40 -18.47 -5.65
N GLY B 41 -4.66 -17.84 -4.51
CA GLY B 41 -6.03 -17.69 -4.08
C GLY B 41 -6.20 -17.77 -2.58
N TYR B 42 -6.82 -16.75 -2.01
CA TYR B 42 -7.07 -16.69 -0.58
C TYR B 42 -8.45 -17.27 -0.26
N SER B 43 -8.49 -18.27 0.61
CA SER B 43 -9.74 -18.90 0.99
C SER B 43 -10.18 -18.57 2.40
N ILE B 44 -11.49 -18.67 2.62
CA ILE B 44 -12.09 -18.42 3.93
C ILE B 44 -13.10 -19.55 4.15
N TYR B 45 -12.80 -20.44 5.07
CA TYR B 45 -13.69 -21.57 5.35
C TYR B 45 -14.54 -21.33 6.58
N LYS B 46 -15.85 -21.28 6.40
CA LYS B 46 -16.76 -21.05 7.52
C LYS B 46 -17.83 -22.12 7.67
N GLY B 47 -18.61 -21.98 8.73
CA GLY B 47 -19.67 -22.92 9.05
C GLY B 47 -20.43 -23.65 7.94
N LYS B 48 -21.04 -22.89 7.04
CA LYS B 48 -21.80 -23.52 5.97
C LYS B 48 -21.44 -23.03 4.58
N ALA B 49 -20.25 -22.43 4.46
CA ALA B 49 -19.79 -21.91 3.17
C ALA B 49 -18.30 -21.57 3.19
N ALA B 50 -17.72 -21.49 2.00
CA ALA B 50 -16.31 -21.15 1.83
C ALA B 50 -16.19 -20.10 0.74
N LEU B 51 -15.13 -19.31 0.77
CA LEU B 51 -14.93 -18.26 -0.23
C LEU B 51 -13.48 -18.20 -0.71
N THR B 52 -13.28 -18.26 -2.03
CA THR B 52 -11.94 -18.20 -2.59
C THR B 52 -11.82 -16.96 -3.47
N VAL B 53 -10.79 -16.15 -3.20
CA VAL B 53 -10.56 -14.91 -3.93
C VAL B 53 -9.31 -15.06 -4.79
N GLU B 54 -9.34 -14.55 -6.02
CA GLU B 54 -8.21 -14.71 -6.92
C GLU B 54 -8.11 -13.61 -7.97
N PRO B 55 -6.89 -13.15 -8.28
CA PRO B 55 -6.75 -12.11 -9.29
C PRO B 55 -6.82 -12.69 -10.69
N ARG B 56 -7.21 -11.86 -11.65
CA ARG B 56 -7.33 -12.27 -13.04
C ARG B 56 -6.61 -11.21 -13.87
N SER B 57 -5.75 -11.66 -14.76
CA SER B 57 -4.96 -10.78 -15.60
C SER B 57 -5.69 -9.88 -16.57
N PRO B 58 -5.16 -8.67 -16.78
CA PRO B 58 -5.74 -7.70 -17.72
C PRO B 58 -5.30 -8.15 -19.11
N GLU B 59 -5.85 -7.53 -20.15
CA GLU B 59 -5.51 -7.87 -21.53
C GLU B 59 -4.81 -6.73 -22.24
N PHE B 60 -3.90 -7.07 -23.14
CA PHE B 60 -3.18 -6.08 -23.92
C PHE B 60 -3.38 -6.39 -25.39
N SER B 61 -3.19 -5.39 -26.24
CA SER B 61 -3.35 -5.57 -27.67
C SER B 61 -2.21 -4.90 -28.41
N PRO B 62 -1.70 -5.54 -29.47
CA PRO B 62 -0.59 -4.97 -30.23
C PRO B 62 -1.00 -3.75 -31.07
N LEU B 63 -0.02 -2.89 -31.32
CA LEU B 63 -0.22 -1.70 -32.14
C LEU B 63 0.86 -1.71 -33.20
N ASP B 64 0.50 -1.34 -34.43
CA ASP B 64 1.45 -1.34 -35.54
C ASP B 64 2.75 -0.60 -35.23
N SER B 65 2.71 0.27 -34.22
CA SER B 65 3.89 1.02 -33.83
C SER B 65 4.88 0.12 -33.09
N GLY B 66 4.47 -1.12 -32.85
CA GLY B 66 5.32 -2.05 -32.14
C GLY B 66 5.06 -1.93 -30.65
N ALA B 67 4.07 -1.12 -30.29
CA ALA B 67 3.71 -0.90 -28.90
C ALA B 67 2.42 -1.63 -28.58
N PHE B 68 2.11 -1.71 -27.28
CA PHE B 68 0.88 -2.36 -26.84
C PHE B 68 0.01 -1.38 -26.07
N LYS B 69 -1.28 -1.69 -25.99
CA LYS B 69 -2.24 -0.85 -25.29
C LYS B 69 -3.10 -1.74 -24.42
N LEU B 70 -3.42 -1.28 -23.22
CA LEU B 70 -4.28 -2.05 -22.34
C LEU B 70 -5.64 -2.08 -23.00
N SER B 71 -6.15 -3.28 -23.29
CA SER B 71 -7.44 -3.39 -23.94
C SER B 71 -8.53 -3.85 -22.98
N ARG B 72 -8.11 -4.37 -21.83
CA ARG B 72 -9.07 -4.86 -20.84
C ARG B 72 -8.47 -4.96 -19.43
N GLU B 73 -9.07 -4.27 -18.48
CA GLU B 73 -8.62 -4.28 -17.09
C GLU B 73 -8.74 -5.66 -16.47
N GLY B 74 -7.83 -5.99 -15.56
CA GLY B 74 -7.89 -7.27 -14.89
C GLY B 74 -9.00 -7.18 -13.86
N MET B 75 -9.30 -8.28 -13.19
CA MET B 75 -10.36 -8.29 -12.20
C MET B 75 -9.97 -9.21 -11.08
N VAL B 76 -10.88 -9.35 -10.13
CA VAL B 76 -10.69 -10.25 -9.01
C VAL B 76 -11.89 -11.18 -9.03
N MET B 77 -11.63 -12.48 -9.00
CA MET B 77 -12.68 -13.49 -9.04
C MET B 77 -13.03 -14.04 -7.66
N LEU B 78 -14.31 -14.14 -7.38
CA LEU B 78 -14.78 -14.69 -6.10
C LEU B 78 -15.53 -15.98 -6.42
N GLN B 79 -15.38 -16.97 -5.56
CA GLN B 79 -16.05 -18.25 -5.74
C GLN B 79 -16.64 -18.68 -4.41
N PHE B 80 -17.96 -18.79 -4.37
CA PHE B 80 -18.65 -19.21 -3.16
C PHE B 80 -19.07 -20.67 -3.30
N ALA B 81 -18.84 -21.45 -2.25
CA ALA B 81 -19.20 -22.85 -2.26
C ALA B 81 -19.90 -23.21 -0.97
N PRO B 82 -21.01 -23.95 -1.04
CA PRO B 82 -21.75 -24.35 0.16
C PRO B 82 -21.05 -25.52 0.81
N ALA B 83 -21.20 -25.65 2.12
CA ALA B 83 -20.57 -26.75 2.86
C ALA B 83 -21.26 -28.08 2.57
N ALA B 84 -20.48 -29.08 2.16
CA ALA B 84 -21.02 -30.40 1.85
C ALA B 84 -20.85 -31.30 3.08
N GLY B 85 -21.50 -30.91 4.17
CA GLY B 85 -21.41 -31.67 5.40
C GLY B 85 -20.90 -30.79 6.52
N VAL B 86 -19.75 -31.16 7.08
CA VAL B 86 -19.16 -30.40 8.18
C VAL B 86 -17.87 -29.68 7.75
N ARG B 87 -16.77 -30.42 7.62
CA ARG B 87 -15.50 -29.82 7.21
C ARG B 87 -15.31 -30.02 5.71
N GLN B 88 -16.42 -30.10 4.99
CA GLN B 88 -16.38 -30.28 3.54
C GLN B 88 -17.19 -29.21 2.82
N TYR B 89 -16.80 -28.95 1.58
CA TYR B 89 -17.49 -27.98 0.74
C TYR B 89 -17.64 -28.53 -0.66
N ASP B 90 -18.86 -28.52 -1.19
CA ASP B 90 -19.10 -29.03 -2.53
C ASP B 90 -18.75 -27.96 -3.55
N TRP B 91 -17.55 -28.05 -4.11
CA TRP B 91 -17.09 -27.10 -5.11
C TRP B 91 -17.71 -27.44 -6.45
N SER B 92 -18.56 -28.45 -6.44
CA SER B 92 -19.25 -28.91 -7.63
C SER B 92 -20.32 -27.86 -7.96
N ARG B 93 -20.93 -27.32 -6.90
CA ARG B 93 -21.96 -26.30 -7.06
C ARG B 93 -21.48 -24.94 -6.53
N LYS B 94 -20.36 -24.48 -7.08
CA LYS B 94 -19.79 -23.20 -6.68
C LYS B 94 -20.32 -22.08 -7.56
N GLN B 95 -20.55 -20.91 -6.96
CA GLN B 95 -21.03 -19.76 -7.70
C GLN B 95 -19.91 -18.72 -7.82
N VAL B 96 -19.65 -18.28 -9.05
CA VAL B 96 -18.60 -17.30 -9.32
C VAL B 96 -19.14 -15.88 -9.48
N PHE B 97 -18.41 -14.91 -8.94
CA PHE B 97 -18.80 -13.51 -9.07
C PHE B 97 -17.53 -12.72 -9.36
N SER B 98 -17.56 -11.93 -10.43
CA SER B 98 -16.42 -11.11 -10.83
C SER B 98 -16.48 -9.73 -10.16
N LEU B 99 -15.31 -9.18 -9.87
CA LEU B 99 -15.19 -7.87 -9.25
C LEU B 99 -14.30 -7.01 -10.14
N SER B 100 -14.86 -5.93 -10.68
CA SER B 100 -14.06 -5.03 -11.52
C SER B 100 -13.21 -4.14 -10.61
N VAL B 101 -12.28 -3.37 -11.18
CA VAL B 101 -11.44 -2.53 -10.35
C VAL B 101 -12.27 -1.52 -9.55
N THR B 102 -13.34 -1.00 -10.15
CA THR B 102 -14.20 -0.04 -9.48
C THR B 102 -14.99 -0.68 -8.32
N GLU B 103 -15.37 -1.94 -8.51
CA GLU B 103 -16.10 -2.69 -7.48
C GLU B 103 -15.14 -3.03 -6.36
N ILE B 104 -13.89 -3.25 -6.71
CA ILE B 104 -12.88 -3.53 -5.71
C ILE B 104 -12.69 -2.24 -4.91
N GLY B 105 -12.83 -1.11 -5.61
CA GLY B 105 -12.72 0.19 -4.96
C GLY B 105 -13.78 0.37 -3.88
N SER B 106 -14.99 -0.16 -4.12
CA SER B 106 -16.08 -0.06 -3.16
C SER B 106 -15.78 -0.86 -1.90
N ILE B 107 -15.11 -1.99 -2.05
CA ILE B 107 -14.78 -2.85 -0.93
C ILE B 107 -13.68 -2.23 -0.04
N ILE B 108 -12.58 -1.79 -0.65
CA ILE B 108 -11.47 -1.21 0.11
C ILE B 108 -11.78 0.12 0.80
N SER B 109 -12.89 0.75 0.44
CA SER B 109 -13.26 2.02 1.05
C SER B 109 -14.54 1.84 1.88
N LEU B 110 -14.82 0.59 2.24
CA LEU B 110 -16.01 0.26 3.02
C LEU B 110 -15.76 0.41 4.53
N GLY B 111 -16.40 1.40 5.14
CA GLY B 111 -16.24 1.60 6.58
C GLY B 111 -16.83 0.46 7.39
N THR B 112 -16.70 0.56 8.71
CA THR B 112 -17.22 -0.46 9.61
C THR B 112 -18.72 -0.39 9.85
N LYS B 113 -19.41 0.43 9.07
CA LYS B 113 -20.87 0.55 9.22
C LYS B 113 -21.51 0.82 7.86
N ASP B 114 -20.70 0.84 6.82
CA ASP B 114 -21.18 1.08 5.47
C ASP B 114 -21.45 -0.24 4.74
N SER B 115 -22.25 -0.17 3.70
CA SER B 115 -22.59 -1.35 2.90
C SER B 115 -22.43 -1.04 1.43
N CYS B 116 -22.37 -2.08 0.61
CA CYS B 116 -22.29 -1.93 -0.84
C CYS B 116 -23.02 -3.11 -1.48
N GLU B 117 -23.47 -2.93 -2.72
CA GLU B 117 -24.23 -3.96 -3.41
C GLU B 117 -23.95 -3.90 -4.92
N PHE B 118 -23.78 -5.05 -5.57
CA PHE B 118 -23.47 -5.08 -7.00
C PHE B 118 -24.42 -5.99 -7.78
N PHE B 119 -24.91 -5.52 -8.93
CA PHE B 119 -25.82 -6.31 -9.76
C PHE B 119 -25.21 -6.67 -11.09
N HIS B 120 -25.11 -7.97 -11.40
CA HIS B 120 -24.55 -8.43 -12.68
C HIS B 120 -25.58 -9.20 -13.50
N ASP B 121 -25.84 -8.72 -14.71
CA ASP B 121 -26.82 -9.33 -15.62
C ASP B 121 -26.16 -9.69 -16.96
N PRO B 122 -26.07 -10.99 -17.27
CA PRO B 122 -25.44 -11.45 -18.52
C PRO B 122 -26.16 -11.04 -19.80
N ASN B 123 -27.44 -10.70 -19.71
CA ASN B 123 -28.21 -10.28 -20.88
C ASN B 123 -28.45 -8.77 -20.86
N LYS B 124 -27.68 -8.05 -20.05
CA LYS B 124 -27.87 -6.61 -19.95
C LYS B 124 -27.73 -5.96 -21.31
N GLY B 125 -28.59 -4.98 -21.58
CA GLY B 125 -28.56 -4.29 -22.85
C GLY B 125 -29.23 -5.06 -23.97
N ARG B 126 -29.47 -6.34 -23.77
CA ARG B 126 -30.10 -7.17 -24.79
C ARG B 126 -31.57 -7.47 -24.52
N SER B 127 -32.18 -8.15 -25.48
CA SER B 127 -33.60 -8.53 -25.43
C SER B 127 -34.29 -8.52 -24.07
N ASP B 128 -34.05 -9.55 -23.26
CA ASP B 128 -34.71 -9.65 -21.95
C ASP B 128 -33.79 -9.59 -20.73
N GLU B 129 -33.32 -8.40 -20.40
CA GLU B 129 -32.47 -8.23 -19.23
C GLU B 129 -33.43 -8.11 -18.04
N GLY B 130 -33.00 -8.60 -16.89
CA GLY B 130 -33.84 -8.56 -15.70
C GLY B 130 -34.41 -9.93 -15.40
N ARG B 131 -33.90 -10.95 -16.08
CA ARG B 131 -34.36 -12.32 -15.91
C ARG B 131 -33.28 -13.16 -15.25
N VAL B 132 -32.03 -12.90 -15.64
CA VAL B 132 -30.91 -13.63 -15.10
C VAL B 132 -29.94 -12.67 -14.45
N ARG B 133 -29.60 -12.92 -13.19
CA ARG B 133 -28.68 -12.03 -12.52
C ARG B 133 -28.03 -12.60 -11.27
N LYS B 134 -26.95 -11.94 -10.86
CA LYS B 134 -26.24 -12.28 -9.65
C LYS B 134 -26.10 -10.96 -8.89
N VAL B 135 -26.41 -11.00 -7.60
CA VAL B 135 -26.33 -9.81 -6.77
C VAL B 135 -25.43 -10.10 -5.58
N LEU B 136 -24.40 -9.29 -5.42
CA LEU B 136 -23.48 -9.44 -4.30
C LEU B 136 -23.72 -8.30 -3.33
N LYS B 137 -24.03 -8.63 -2.09
CA LYS B 137 -24.25 -7.60 -1.08
C LYS B 137 -23.24 -7.78 0.06
N VAL B 138 -22.63 -6.67 0.47
CA VAL B 138 -21.64 -6.66 1.56
C VAL B 138 -22.15 -5.72 2.66
N GLU B 139 -22.55 -6.28 3.80
CA GLU B 139 -23.07 -5.48 4.91
C GLU B 139 -22.42 -5.83 6.25
N PRO B 140 -22.44 -4.88 7.20
CA PRO B 140 -21.85 -5.10 8.52
C PRO B 140 -22.59 -6.13 9.37
N LEU B 141 -21.82 -6.94 10.09
CA LEU B 141 -22.35 -7.96 10.98
C LEU B 141 -22.94 -7.22 12.18
N PRO B 142 -23.99 -7.80 12.79
CA PRO B 142 -24.70 -7.25 13.96
C PRO B 142 -23.81 -6.69 15.07
N ASP B 143 -22.87 -7.49 15.55
CA ASP B 143 -21.97 -7.04 16.60
C ASP B 143 -20.87 -6.12 16.08
N GLY B 144 -21.00 -5.68 14.83
CA GLY B 144 -20.00 -4.81 14.23
C GLY B 144 -18.61 -5.39 14.29
N SER B 145 -18.53 -6.71 14.17
CA SER B 145 -17.26 -7.41 14.24
C SER B 145 -16.75 -7.84 12.86
N GLY B 146 -17.42 -7.36 11.82
CA GLY B 146 -17.02 -7.69 10.46
C GLY B 146 -18.09 -7.39 9.42
N HIS B 147 -18.05 -8.12 8.31
CA HIS B 147 -19.04 -7.97 7.25
C HIS B 147 -19.43 -9.32 6.69
N PHE B 148 -20.61 -9.39 6.09
CA PHE B 148 -20.99 -10.64 5.46
C PHE B 148 -21.06 -10.40 3.98
N PHE B 149 -20.73 -11.42 3.20
CA PHE B 149 -20.80 -11.34 1.76
C PHE B 149 -21.97 -12.25 1.44
N ASN B 150 -22.98 -11.70 0.78
CA ASN B 150 -24.17 -12.45 0.45
C ASN B 150 -24.32 -12.48 -1.07
N LEU B 151 -24.20 -13.66 -1.66
CA LEU B 151 -24.35 -13.83 -3.10
C LEU B 151 -25.71 -14.44 -3.43
N SER B 152 -26.48 -13.74 -4.24
CA SER B 152 -27.79 -14.20 -4.66
C SER B 152 -27.79 -14.49 -6.16
N VAL B 153 -28.16 -15.71 -6.52
CA VAL B 153 -28.18 -16.13 -7.92
C VAL B 153 -29.60 -16.42 -8.41
N GLN B 154 -30.06 -15.60 -9.34
CA GLN B 154 -31.41 -15.77 -9.87
C GLN B 154 -31.49 -15.93 -11.38
N ASN B 155 -32.37 -16.83 -11.81
CA ASN B 155 -32.63 -17.06 -13.21
C ASN B 155 -34.11 -17.42 -13.32
N LYS B 156 -34.91 -16.44 -13.71
CA LYS B 156 -36.35 -16.60 -13.83
C LYS B 156 -36.80 -17.55 -14.94
N LEU B 157 -35.98 -17.67 -15.98
CA LEU B 157 -36.31 -18.54 -17.11
C LEU B 157 -36.39 -20.01 -16.68
N ILE B 158 -35.64 -20.37 -15.65
CA ILE B 158 -35.61 -21.75 -15.16
C ILE B 158 -36.04 -21.84 -13.69
N ASN B 159 -36.56 -20.74 -13.17
CA ASN B 159 -37.00 -20.69 -11.77
C ASN B 159 -35.83 -21.05 -10.84
N LEU B 160 -34.70 -20.40 -11.04
CA LEU B 160 -33.53 -20.62 -10.21
C LEU B 160 -33.48 -19.49 -9.20
N ASP B 161 -33.14 -19.82 -7.96
CA ASP B 161 -33.06 -18.82 -6.90
C ASP B 161 -32.20 -19.34 -5.75
N GLU B 162 -30.90 -19.09 -5.81
CA GLU B 162 -29.99 -19.55 -4.77
C GLU B 162 -29.39 -18.39 -3.98
N ASN B 163 -28.96 -18.71 -2.77
CA ASN B 163 -28.36 -17.71 -1.90
C ASN B 163 -27.22 -18.35 -1.11
N ILE B 164 -26.08 -17.67 -1.06
CA ILE B 164 -24.93 -18.16 -0.30
C ILE B 164 -24.45 -17.01 0.56
N TYR B 165 -24.47 -17.24 1.87
CA TYR B 165 -24.09 -16.26 2.88
C TYR B 165 -22.78 -16.65 3.54
N ILE B 166 -21.90 -15.68 3.80
CA ILE B 166 -20.64 -15.96 4.48
C ILE B 166 -20.10 -14.77 5.30
N PRO B 167 -19.85 -14.99 6.59
CA PRO B 167 -19.33 -13.92 7.44
C PRO B 167 -17.81 -13.78 7.27
N VAL B 168 -17.33 -12.54 7.27
CA VAL B 168 -15.90 -12.24 7.10
C VAL B 168 -15.51 -11.34 8.28
N THR B 169 -14.63 -11.85 9.15
CA THR B 169 -14.20 -11.08 10.32
C THR B 169 -13.44 -9.82 9.93
N LYS B 170 -13.24 -8.94 10.91
CA LYS B 170 -12.51 -7.72 10.65
C LYS B 170 -11.10 -8.07 10.17
N ALA B 171 -10.55 -9.16 10.72
CA ALA B 171 -9.20 -9.61 10.38
C ALA B 171 -9.08 -10.14 8.94
N GLU B 172 -10.00 -11.01 8.55
CA GLU B 172 -10.01 -11.59 7.20
C GLU B 172 -10.29 -10.49 6.18
N PHE B 173 -11.08 -9.50 6.58
CA PHE B 173 -11.41 -8.39 5.71
C PHE B 173 -10.17 -7.51 5.46
N ALA B 174 -9.34 -7.38 6.49
CA ALA B 174 -8.12 -6.58 6.38
C ALA B 174 -7.16 -7.27 5.40
N VAL B 175 -7.16 -8.59 5.39
CA VAL B 175 -6.31 -9.33 4.45
C VAL B 175 -6.76 -9.01 3.00
N LEU B 176 -8.07 -8.95 2.78
CA LEU B 176 -8.60 -8.63 1.47
C LEU B 176 -8.21 -7.23 1.03
N VAL B 177 -8.39 -6.25 1.93
CA VAL B 177 -8.05 -4.87 1.61
C VAL B 177 -6.58 -4.75 1.24
N SER B 178 -5.73 -5.42 2.00
CA SER B 178 -4.30 -5.39 1.75
C SER B 178 -3.98 -6.06 0.41
N ALA B 179 -4.62 -7.19 0.13
CA ALA B 179 -4.37 -7.85 -1.14
C ALA B 179 -4.91 -6.98 -2.27
N PHE B 180 -6.13 -6.47 -2.12
CA PHE B 180 -6.73 -5.64 -3.14
C PHE B 180 -5.93 -4.39 -3.46
N ASN B 181 -5.36 -3.75 -2.43
CA ASN B 181 -4.57 -2.55 -2.66
C ASN B 181 -3.28 -2.90 -3.38
N PHE B 182 -2.80 -4.11 -3.14
CA PHE B 182 -1.60 -4.56 -3.80
C PHE B 182 -1.85 -4.86 -5.29
N VAL B 183 -2.91 -5.63 -5.56
CA VAL B 183 -3.22 -6.03 -6.92
C VAL B 183 -3.73 -4.94 -7.86
N MET B 184 -4.39 -3.93 -7.30
CA MET B 184 -4.98 -2.84 -8.06
C MET B 184 -4.15 -2.27 -9.21
N PRO B 185 -3.01 -1.65 -8.89
CA PRO B 185 -2.19 -1.10 -9.97
C PRO B 185 -1.86 -2.11 -11.07
N TYR B 186 -1.77 -3.38 -10.71
CA TYR B 186 -1.48 -4.41 -11.70
C TYR B 186 -2.70 -4.73 -12.56
N LEU B 187 -3.89 -4.65 -11.99
CA LEU B 187 -5.09 -4.90 -12.77
C LEU B 187 -5.25 -3.79 -13.80
N LEU B 188 -4.67 -2.62 -13.50
CA LEU B 188 -4.74 -1.45 -14.39
C LEU B 188 -3.57 -1.39 -15.37
N GLY B 189 -2.59 -2.28 -15.17
CA GLY B 189 -1.44 -2.30 -16.05
C GLY B 189 -0.41 -1.22 -15.74
N TRP B 190 -0.59 -0.50 -14.63
CA TRP B 190 0.35 0.57 -14.27
C TRP B 190 1.77 0.09 -13.96
N HIS B 191 1.95 -1.20 -13.70
CA HIS B 191 3.28 -1.73 -13.42
C HIS B 191 4.11 -1.82 -14.72
N THR B 192 3.46 -2.14 -15.82
CA THR B 192 4.19 -2.23 -17.09
C THR B 192 4.60 -0.83 -17.49
N ALA B 193 3.95 0.17 -16.91
CA ALA B 193 4.28 1.56 -17.25
C ALA B 193 5.47 2.03 -16.44
N VAL B 194 5.40 1.87 -15.11
CA VAL B 194 6.47 2.32 -14.24
C VAL B 194 7.78 1.54 -14.39
N ASN B 195 7.74 0.37 -15.02
CA ASN B 195 8.95 -0.41 -15.22
C ASN B 195 9.89 0.25 -16.23
N SER B 196 9.33 1.09 -17.09
CA SER B 196 10.14 1.77 -18.09
C SER B 196 10.55 3.16 -17.60
N PHE B 197 10.34 3.43 -16.32
CA PHE B 197 10.73 4.72 -15.77
C PHE B 197 12.18 4.65 -15.31
N LYS B 198 13.02 4.03 -16.13
CA LYS B 198 14.45 3.88 -15.84
C LYS B 198 15.28 5.00 -16.48
N PRO B 199 16.46 5.32 -15.92
CA PRO B 199 17.30 6.39 -16.49
C PRO B 199 17.70 6.12 -17.94
N GLU B 200 17.65 4.86 -18.34
CA GLU B 200 17.99 4.49 -19.71
C GLU B 200 16.75 4.54 -20.59
N ALA B 214 5.46 23.35 -16.10
CA ALA B 214 4.18 22.65 -16.12
C ALA B 214 4.03 21.83 -17.41
N GLU B 215 5.10 21.80 -18.20
CA GLU B 215 5.13 21.05 -19.46
C GLU B 215 3.94 21.31 -20.39
N LEU B 216 3.09 20.30 -20.54
CA LEU B 216 1.92 20.36 -21.40
C LEU B 216 1.03 21.58 -21.14
N GLU B 217 1.15 22.14 -19.94
CA GLU B 217 0.36 23.32 -19.57
C GLU B 217 0.77 24.51 -20.44
N THR C 35 20.52 -13.00 -6.89
CA THR C 35 19.33 -13.27 -6.03
C THR C 35 19.57 -14.41 -5.05
N PRO C 36 20.53 -14.24 -4.13
CA PRO C 36 20.83 -15.28 -3.15
C PRO C 36 19.85 -15.25 -1.97
N LYS C 37 19.91 -16.29 -1.15
CA LYS C 37 19.07 -16.40 0.04
C LYS C 37 19.48 -15.28 1.00
N VAL C 38 18.50 -14.62 1.61
CA VAL C 38 18.79 -13.54 2.56
C VAL C 38 17.89 -13.65 3.77
N PHE C 39 18.48 -13.56 4.95
CA PHE C 39 17.74 -13.62 6.21
C PHE C 39 17.60 -12.21 6.78
N VAL C 40 16.36 -11.82 7.05
CA VAL C 40 16.09 -10.49 7.59
C VAL C 40 15.24 -10.61 8.83
N GLY C 41 14.95 -9.48 9.47
CA GLY C 41 14.12 -9.51 10.66
C GLY C 41 14.18 -8.21 11.44
N TYR C 42 13.01 -7.64 11.70
CA TYR C 42 12.89 -6.40 12.44
C TYR C 42 12.90 -6.75 13.93
N SER C 43 13.75 -6.09 14.70
CA SER C 43 13.88 -6.36 16.13
C SER C 43 13.54 -5.16 16.99
N ILE C 44 12.86 -5.44 18.10
CA ILE C 44 12.48 -4.43 19.07
C ILE C 44 13.17 -4.80 20.38
N TYR C 45 14.04 -3.93 20.89
CA TYR C 45 14.77 -4.19 22.13
C TYR C 45 14.24 -3.40 23.33
N LYS C 46 13.81 -4.11 24.37
CA LYS C 46 13.27 -3.47 25.56
C LYS C 46 13.91 -3.85 26.91
N GLY C 47 13.37 -3.30 28.00
CA GLY C 47 13.93 -3.57 29.31
C GLY C 47 14.01 -5.03 29.75
N LYS C 48 12.88 -5.74 29.67
CA LYS C 48 12.82 -7.14 30.08
C LYS C 48 12.90 -8.17 28.97
N ALA C 49 12.67 -7.76 27.72
CA ALA C 49 12.69 -8.72 26.63
C ALA C 49 12.92 -8.10 25.27
N ALA C 50 13.18 -8.95 24.28
CA ALA C 50 13.40 -8.52 22.91
C ALA C 50 12.44 -9.28 21.99
N LEU C 51 12.10 -8.69 20.85
CA LEU C 51 11.19 -9.30 19.88
C LEU C 51 11.68 -9.13 18.45
N THR C 52 11.86 -10.23 17.73
CA THR C 52 12.28 -10.19 16.33
C THR C 52 11.11 -10.68 15.45
N VAL C 53 10.89 -10.00 14.33
CA VAL C 53 9.79 -10.37 13.44
C VAL C 53 10.38 -10.70 12.07
N GLU C 54 10.04 -11.88 11.55
CA GLU C 54 10.60 -12.32 10.29
C GLU C 54 9.58 -13.02 9.37
N PRO C 55 9.59 -12.68 8.07
CA PRO C 55 8.66 -13.29 7.10
C PRO C 55 9.08 -14.72 6.77
N ARG C 56 8.12 -15.56 6.38
CA ARG C 56 8.39 -16.95 6.01
C ARG C 56 7.66 -17.31 4.71
N SER C 57 8.40 -17.87 3.76
CA SER C 57 7.88 -18.24 2.44
C SER C 57 6.69 -19.17 2.32
N PRO C 58 5.85 -18.93 1.31
CA PRO C 58 4.69 -19.80 1.12
C PRO C 58 5.27 -21.05 0.44
N GLU C 59 4.47 -22.09 0.27
CA GLU C 59 4.94 -23.29 -0.38
C GLU C 59 4.15 -23.51 -1.67
N PHE C 60 4.80 -24.08 -2.68
CA PHE C 60 4.13 -24.35 -3.94
C PHE C 60 4.23 -25.83 -4.24
N SER C 61 3.29 -26.33 -5.03
CA SER C 61 3.27 -27.73 -5.43
C SER C 61 3.01 -27.82 -6.93
N PRO C 62 3.91 -28.51 -7.67
CA PRO C 62 3.74 -28.65 -9.12
C PRO C 62 2.47 -29.41 -9.52
N LEU C 63 2.05 -29.22 -10.76
CA LEU C 63 0.85 -29.89 -11.25
C LEU C 63 1.16 -30.75 -12.47
N ASP C 64 1.00 -30.17 -13.67
CA ASP C 64 1.25 -30.88 -14.90
C ASP C 64 1.24 -29.95 -16.10
N SER C 65 0.43 -28.90 -16.02
CA SER C 65 0.30 -27.93 -17.10
C SER C 65 1.49 -26.98 -17.22
N GLY C 66 2.61 -27.32 -16.58
CA GLY C 66 3.78 -26.47 -16.62
C GLY C 66 3.64 -25.28 -15.69
N ALA C 67 2.63 -25.32 -14.83
CA ALA C 67 2.38 -24.25 -13.88
C ALA C 67 2.40 -24.81 -12.46
N PHE C 68 2.31 -23.93 -11.46
CA PHE C 68 2.32 -24.37 -10.08
C PHE C 68 1.06 -23.98 -9.33
N LYS C 69 0.90 -24.53 -8.14
CA LYS C 69 -0.25 -24.27 -7.29
C LYS C 69 0.20 -23.96 -5.87
N LEU C 70 -0.32 -22.87 -5.30
CA LEU C 70 0.02 -22.50 -3.93
C LEU C 70 -0.56 -23.57 -3.01
N SER C 71 0.29 -24.26 -2.26
CA SER C 71 -0.18 -25.30 -1.36
C SER C 71 -0.08 -24.97 0.12
N ARG C 72 0.63 -23.90 0.45
CA ARG C 72 0.75 -23.50 1.85
C ARG C 72 1.12 -22.02 1.87
N GLU C 73 0.36 -21.23 2.62
CA GLU C 73 0.63 -19.80 2.69
C GLU C 73 1.87 -19.50 3.51
N GLY C 74 2.49 -18.37 3.26
CA GLY C 74 3.64 -17.99 4.05
C GLY C 74 3.09 -17.46 5.36
N MET C 75 3.97 -17.02 6.25
CA MET C 75 3.59 -16.47 7.54
C MET C 75 4.73 -15.62 8.12
N VAL C 76 4.46 -15.03 9.28
CA VAL C 76 5.44 -14.23 9.97
C VAL C 76 5.74 -14.95 11.30
N MET C 77 7.03 -15.12 11.58
CA MET C 77 7.48 -15.76 12.80
C MET C 77 7.94 -14.72 13.81
N LEU C 78 7.40 -14.81 15.03
CA LEU C 78 7.76 -13.90 16.11
C LEU C 78 8.64 -14.70 17.07
N GLN C 79 9.72 -14.09 17.54
CA GLN C 79 10.61 -14.77 18.48
C GLN C 79 10.80 -13.84 19.66
N PHE C 80 10.49 -14.35 20.85
CA PHE C 80 10.62 -13.58 22.08
C PHE C 80 11.82 -14.09 22.89
N ALA C 81 12.59 -13.20 23.46
CA ALA C 81 13.75 -13.59 24.26
C ALA C 81 13.82 -12.73 25.52
N PRO C 82 13.98 -13.35 26.70
CA PRO C 82 14.06 -12.59 27.95
C PRO C 82 15.42 -11.93 28.10
N ALA C 83 15.45 -10.78 28.76
CA ALA C 83 16.70 -10.07 28.97
C ALA C 83 17.58 -10.82 29.96
N ALA C 84 18.90 -10.76 29.74
CA ALA C 84 19.87 -11.39 30.61
C ALA C 84 20.93 -10.37 31.02
N GLY C 85 20.75 -9.13 30.58
CA GLY C 85 21.70 -8.08 30.88
C GLY C 85 21.25 -6.80 30.19
N VAL C 86 21.97 -5.71 30.40
CA VAL C 86 21.58 -4.46 29.76
C VAL C 86 21.63 -4.62 28.24
N ARG C 87 20.48 -4.53 27.59
CA ARG C 87 20.41 -4.67 26.14
C ARG C 87 21.02 -5.99 25.69
N GLN C 88 20.92 -7.00 26.54
CA GLN C 88 21.43 -8.33 26.21
C GLN C 88 20.28 -9.30 26.45
N TYR C 89 20.13 -10.26 25.55
CA TYR C 89 19.03 -11.20 25.65
C TYR C 89 19.48 -12.65 25.48
N ASP C 90 18.81 -13.55 26.18
CA ASP C 90 19.15 -14.97 26.11
C ASP C 90 18.31 -15.73 25.09
N TRP C 91 18.81 -15.80 23.86
CA TRP C 91 18.11 -16.49 22.79
C TRP C 91 18.02 -17.99 22.94
N SER C 92 18.69 -18.53 23.96
CA SER C 92 18.64 -19.96 24.22
C SER C 92 17.32 -20.27 24.91
N ARG C 93 16.74 -19.25 25.53
CA ARG C 93 15.45 -19.40 26.20
C ARG C 93 14.38 -18.66 25.41
N LYS C 94 14.57 -18.55 24.10
CA LYS C 94 13.61 -17.85 23.25
C LYS C 94 12.35 -18.66 23.02
N GLN C 95 11.23 -17.95 22.87
CA GLN C 95 9.94 -18.58 22.62
C GLN C 95 9.46 -18.08 21.26
N VAL C 96 8.96 -19.00 20.44
CA VAL C 96 8.50 -18.67 19.09
C VAL C 96 6.98 -18.77 18.91
N PHE C 97 6.44 -17.89 18.07
CA PHE C 97 5.00 -17.88 17.78
C PHE C 97 4.77 -17.47 16.32
N SER C 98 4.15 -18.34 15.54
CA SER C 98 3.92 -18.02 14.15
C SER C 98 2.57 -17.35 13.91
N LEU C 99 2.56 -16.35 13.03
CA LEU C 99 1.32 -15.65 12.71
C LEU C 99 0.95 -15.98 11.28
N SER C 100 -0.27 -16.45 11.08
CA SER C 100 -0.78 -16.77 9.75
C SER C 100 -1.22 -15.46 9.16
N VAL C 101 -1.54 -15.47 7.88
CA VAL C 101 -1.98 -14.25 7.22
C VAL C 101 -3.23 -13.65 7.89
N THR C 102 -4.13 -14.51 8.36
CA THR C 102 -5.35 -14.03 9.00
C THR C 102 -5.04 -13.35 10.32
N GLU C 103 -4.08 -13.91 11.06
CA GLU C 103 -3.66 -13.35 12.33
C GLU C 103 -2.96 -12.02 12.06
N ILE C 104 -2.21 -11.93 10.96
CA ILE C 104 -1.53 -10.69 10.61
C ILE C 104 -2.62 -9.67 10.31
N GLY C 105 -3.78 -10.18 9.86
CA GLY C 105 -4.90 -9.30 9.56
C GLY C 105 -5.43 -8.63 10.82
N SER C 106 -5.41 -9.36 11.94
CA SER C 106 -5.87 -8.81 13.20
C SER C 106 -4.95 -7.71 13.74
N ILE C 107 -3.66 -7.83 13.44
CA ILE C 107 -2.68 -6.85 13.91
C ILE C 107 -2.82 -5.52 13.18
N ILE C 108 -2.81 -5.56 11.84
CA ILE C 108 -2.89 -4.33 11.06
C ILE C 108 -4.23 -3.60 11.16
N SER C 109 -5.27 -4.27 11.64
CA SER C 109 -6.56 -3.61 11.79
C SER C 109 -6.88 -3.26 13.24
N LEU C 110 -5.88 -3.34 14.11
CA LEU C 110 -6.05 -3.03 15.53
C LEU C 110 -6.11 -1.53 15.79
N GLY C 111 -7.15 -1.10 16.50
CA GLY C 111 -7.26 0.32 16.82
C GLY C 111 -6.44 0.63 18.07
N THR C 112 -6.39 1.89 18.45
CA THR C 112 -5.62 2.29 19.62
C THR C 112 -6.11 1.63 20.91
N LYS C 113 -7.41 1.36 20.96
CA LYS C 113 -7.99 0.78 22.15
C LYS C 113 -8.47 -0.66 22.00
N ASP C 114 -8.09 -1.30 20.90
CA ASP C 114 -8.49 -2.68 20.66
C ASP C 114 -7.47 -3.71 21.14
N SER C 115 -7.93 -4.95 21.26
CA SER C 115 -7.09 -6.08 21.68
C SER C 115 -7.43 -7.30 20.83
N CYS C 116 -6.60 -8.33 20.92
CA CYS C 116 -6.82 -9.57 20.20
C CYS C 116 -6.02 -10.65 20.90
N GLU C 117 -6.47 -11.89 20.80
CA GLU C 117 -5.80 -13.02 21.44
C GLU C 117 -5.62 -14.14 20.43
N PHE C 118 -4.48 -14.83 20.50
CA PHE C 118 -4.19 -15.94 19.59
C PHE C 118 -3.81 -17.19 20.37
N PHE C 119 -4.45 -18.30 20.04
CA PHE C 119 -4.22 -19.57 20.72
C PHE C 119 -3.67 -20.63 19.77
N HIS C 120 -2.49 -21.17 20.07
CA HIS C 120 -1.91 -22.20 19.22
C HIS C 120 -1.67 -23.48 20.02
N ASP C 121 -1.97 -24.61 19.39
CA ASP C 121 -1.82 -25.92 20.04
C ASP C 121 -1.69 -26.98 18.95
N PRO C 122 -0.68 -27.86 19.06
CA PRO C 122 -0.50 -28.89 18.04
C PRO C 122 -1.79 -29.72 17.87
N ASN C 123 -2.58 -29.38 16.86
CA ASN C 123 -3.85 -30.06 16.58
C ASN C 123 -4.86 -29.77 17.69
N LYS C 124 -5.65 -28.71 17.51
CA LYS C 124 -6.66 -28.30 18.47
C LYS C 124 -7.49 -29.47 18.99
N GLY C 125 -8.45 -29.92 18.19
CA GLY C 125 -9.28 -31.04 18.59
C GLY C 125 -8.60 -32.35 18.28
N ARG C 126 -8.87 -32.89 17.10
CA ARG C 126 -8.27 -34.15 16.65
C ARG C 126 -8.57 -35.27 17.65
N SER C 127 -7.91 -36.42 17.46
CA SER C 127 -8.09 -37.56 18.34
C SER C 127 -7.10 -37.44 19.50
N ASP C 128 -6.32 -36.36 19.48
CA ASP C 128 -5.32 -36.10 20.51
C ASP C 128 -4.89 -34.64 20.44
N GLU C 129 -5.44 -33.81 21.33
CA GLU C 129 -5.11 -32.39 21.38
C GLU C 129 -3.65 -32.22 21.78
N GLY C 130 -3.23 -32.95 22.79
CA GLY C 130 -1.87 -32.86 23.26
C GLY C 130 -1.84 -32.52 24.74
N ARG C 131 -1.12 -31.46 25.09
CA ARG C 131 -1.03 -31.05 26.48
C ARG C 131 -0.31 -29.70 26.58
N VAL C 132 0.22 -29.24 25.46
CA VAL C 132 0.94 -27.97 25.41
C VAL C 132 0.20 -26.90 24.60
N ARG C 133 0.37 -25.63 24.99
CA ARG C 133 -0.28 -24.51 24.32
C ARG C 133 0.48 -23.19 24.32
N LYS C 134 0.17 -22.35 23.34
CA LYS C 134 0.79 -21.03 23.21
C LYS C 134 -0.31 -20.02 23.07
N VAL C 135 -0.24 -18.95 23.86
CA VAL C 135 -1.24 -17.90 23.78
C VAL C 135 -0.56 -16.54 23.65
N LEU C 136 -0.88 -15.82 22.58
CA LEU C 136 -0.34 -14.49 22.34
C LEU C 136 -1.43 -13.43 22.51
N LYS C 137 -1.21 -12.49 23.41
CA LYS C 137 -2.16 -11.42 23.63
C LYS C 137 -1.55 -10.10 23.20
N VAL C 138 -2.37 -9.23 22.61
CA VAL C 138 -1.91 -7.91 22.19
C VAL C 138 -2.95 -6.94 22.72
N GLU C 139 -2.58 -6.11 23.67
CA GLU C 139 -3.52 -5.17 24.26
C GLU C 139 -2.89 -3.80 24.49
N PRO C 140 -3.72 -2.75 24.54
CA PRO C 140 -3.17 -1.41 24.78
C PRO C 140 -2.48 -1.26 26.12
N LEU C 141 -1.46 -0.39 26.16
CA LEU C 141 -0.72 -0.12 27.38
C LEU C 141 -1.54 0.83 28.26
N PRO C 142 -1.36 0.76 29.58
CA PRO C 142 -2.08 1.61 30.52
C PRO C 142 -2.04 3.09 30.12
N ASP C 143 -0.85 3.59 29.83
CA ASP C 143 -0.68 4.99 29.44
C ASP C 143 -1.33 5.29 28.09
N GLY C 144 -1.51 4.28 27.26
CA GLY C 144 -2.12 4.49 25.95
C GLY C 144 -1.11 4.88 24.89
N SER C 145 0.16 4.70 25.19
CA SER C 145 1.23 5.05 24.26
C SER C 145 1.59 3.89 23.32
N GLY C 146 0.78 2.83 23.36
CA GLY C 146 1.04 1.69 22.49
C GLY C 146 0.31 0.44 22.95
N HIS C 147 0.87 -0.72 22.61
CA HIS C 147 0.28 -2.01 22.97
C HIS C 147 1.40 -2.88 23.52
N PHE C 148 1.05 -3.96 24.19
CA PHE C 148 2.08 -4.86 24.67
C PHE C 148 1.81 -6.19 23.99
N PHE C 149 2.86 -7.00 23.85
CA PHE C 149 2.72 -8.32 23.26
C PHE C 149 3.08 -9.27 24.39
N ASN C 150 2.16 -10.12 24.80
CA ASN C 150 2.43 -11.06 25.86
C ASN C 150 2.33 -12.50 25.38
N LEU C 151 3.42 -13.26 25.49
CA LEU C 151 3.42 -14.65 25.07
C LEU C 151 3.42 -15.60 26.26
N SER C 152 2.43 -16.49 26.30
CA SER C 152 2.31 -17.49 27.36
C SER C 152 2.57 -18.87 26.78
N VAL C 153 3.44 -19.63 27.42
CA VAL C 153 3.75 -20.98 26.97
C VAL C 153 3.55 -21.94 28.14
N GLN C 154 2.69 -22.93 27.97
CA GLN C 154 2.42 -23.89 29.02
C GLN C 154 2.67 -25.31 28.55
N ASN C 155 3.42 -26.05 29.36
CA ASN C 155 3.70 -27.44 29.06
C ASN C 155 3.49 -28.21 30.37
N LYS C 156 2.65 -29.22 30.32
CA LYS C 156 2.35 -30.03 31.50
C LYS C 156 3.14 -31.32 31.47
N LEU C 157 3.84 -31.53 30.37
CA LEU C 157 4.67 -32.73 30.21
C LEU C 157 5.94 -32.53 31.01
N ILE C 158 6.05 -31.37 31.65
CA ILE C 158 7.19 -31.00 32.49
C ILE C 158 6.61 -30.23 33.68
N ASN C 159 6.74 -28.91 33.64
CA ASN C 159 6.23 -28.04 34.70
C ASN C 159 6.58 -26.64 34.22
N LEU C 160 6.86 -26.55 32.92
CA LEU C 160 7.22 -25.30 32.27
C LEU C 160 6.04 -24.37 32.02
N ASP C 161 6.09 -23.18 32.59
CA ASP C 161 5.05 -22.19 32.42
C ASP C 161 5.72 -20.84 32.25
N GLU C 162 6.11 -20.55 31.01
CA GLU C 162 6.79 -19.30 30.68
C GLU C 162 5.86 -18.18 30.27
N ASN C 163 6.31 -16.96 30.53
CA ASN C 163 5.56 -15.78 30.17
C ASN C 163 6.58 -14.71 29.77
N ILE C 164 6.39 -14.09 28.61
CA ILE C 164 7.29 -13.04 28.15
C ILE C 164 6.43 -11.86 27.71
N TYR C 165 6.72 -10.70 28.30
CA TYR C 165 6.01 -9.46 28.06
C TYR C 165 6.91 -8.42 27.38
N ILE C 166 6.36 -7.62 26.47
CA ILE C 166 7.16 -6.59 25.82
C ILE C 166 6.28 -5.45 25.31
N PRO C 167 6.58 -4.21 25.70
CA PRO C 167 5.78 -3.06 25.25
C PRO C 167 6.21 -2.61 23.85
N VAL C 168 5.25 -2.22 23.03
CA VAL C 168 5.54 -1.78 21.66
C VAL C 168 4.97 -0.37 21.50
N THR C 169 5.83 0.62 21.30
CA THR C 169 5.36 1.99 21.15
C THR C 169 4.50 2.14 19.90
N LYS C 170 3.74 3.23 19.85
CA LYS C 170 2.89 3.48 18.71
C LYS C 170 3.76 3.49 17.44
N ALA C 171 4.96 4.05 17.54
CA ALA C 171 5.87 4.15 16.41
C ALA C 171 6.30 2.77 15.89
N GLU C 172 6.67 1.88 16.81
CA GLU C 172 7.11 0.54 16.46
C GLU C 172 5.97 -0.26 15.87
N PHE C 173 4.76 0.00 16.34
CA PHE C 173 3.61 -0.71 15.82
C PHE C 173 3.34 -0.34 14.35
N ALA C 174 3.59 0.92 14.01
CA ALA C 174 3.39 1.39 12.64
C ALA C 174 4.40 0.73 11.70
N VAL C 175 5.60 0.44 12.20
CA VAL C 175 6.58 -0.22 11.36
C VAL C 175 6.08 -1.64 11.04
N LEU C 176 5.53 -2.33 12.03
CA LEU C 176 4.98 -3.67 11.83
C LEU C 176 3.82 -3.61 10.85
N VAL C 177 2.96 -2.61 11.01
CA VAL C 177 1.82 -2.44 10.13
C VAL C 177 2.29 -2.20 8.69
N SER C 178 3.29 -1.34 8.51
CA SER C 178 3.81 -1.07 7.17
C SER C 178 4.43 -2.34 6.57
N ALA C 179 5.29 -2.99 7.35
CA ALA C 179 5.95 -4.21 6.90
C ALA C 179 4.95 -5.36 6.63
N PHE C 180 3.98 -5.54 7.51
CA PHE C 180 2.98 -6.58 7.33
C PHE C 180 2.11 -6.35 6.08
N ASN C 181 1.77 -5.09 5.79
CA ASN C 181 0.97 -4.77 4.62
C ASN C 181 1.76 -5.09 3.37
N PHE C 182 3.07 -4.87 3.44
CA PHE C 182 3.94 -5.14 2.33
C PHE C 182 4.07 -6.64 2.03
N VAL C 183 4.29 -7.47 3.06
CA VAL C 183 4.47 -8.90 2.83
C VAL C 183 3.22 -9.74 2.61
N MET C 184 2.06 -9.23 3.02
CA MET C 184 0.83 -10.00 2.85
C MET C 184 0.73 -10.60 1.44
N PRO C 185 0.75 -9.75 0.39
CA PRO C 185 0.64 -10.33 -0.96
C PRO C 185 1.66 -11.42 -1.28
N TYR C 186 2.90 -11.23 -0.86
CA TYR C 186 3.93 -12.23 -1.11
C TYR C 186 3.65 -13.51 -0.34
N LEU C 187 3.05 -13.39 0.84
CA LEU C 187 2.73 -14.57 1.62
C LEU C 187 1.56 -15.33 0.97
N LEU C 188 0.78 -14.62 0.16
CA LEU C 188 -0.35 -15.24 -0.52
C LEU C 188 0.08 -15.72 -1.91
N GLY C 189 1.28 -15.32 -2.33
CA GLY C 189 1.79 -15.70 -3.62
C GLY C 189 1.28 -14.87 -4.78
N TRP C 190 0.59 -13.78 -4.46
CA TRP C 190 0.01 -12.91 -5.47
C TRP C 190 1.02 -12.17 -6.34
N HIS C 191 2.27 -12.16 -5.89
CA HIS C 191 3.35 -11.50 -6.62
C HIS C 191 3.78 -12.35 -7.83
N THR C 192 3.67 -13.66 -7.71
CA THR C 192 4.05 -14.53 -8.81
C THR C 192 2.92 -14.58 -9.82
N ALA C 193 1.68 -14.40 -9.36
CA ALA C 193 0.55 -14.43 -10.28
C ALA C 193 0.55 -13.14 -11.09
N VAL C 194 0.64 -12.03 -10.38
CA VAL C 194 0.63 -10.70 -10.97
C VAL C 194 1.83 -10.42 -11.89
N ASN C 195 2.88 -11.23 -11.79
CA ASN C 195 4.06 -11.02 -12.62
C ASN C 195 3.85 -11.47 -14.06
N SER C 196 2.79 -12.24 -14.29
CA SER C 196 2.48 -12.70 -15.63
C SER C 196 1.43 -11.77 -16.25
N PHE C 197 1.16 -10.66 -15.58
CA PHE C 197 0.18 -9.68 -16.08
C PHE C 197 0.87 -8.70 -17.02
N LYS C 198 1.70 -9.23 -17.91
CA LYS C 198 2.43 -8.43 -18.89
C LYS C 198 1.94 -8.73 -20.30
N PRO C 199 2.14 -7.80 -21.24
CA PRO C 199 1.69 -8.02 -22.62
C PRO C 199 2.44 -9.14 -23.34
N GLU C 200 1.70 -9.94 -24.11
CA GLU C 200 2.25 -11.06 -24.86
C GLU C 200 3.64 -10.77 -25.43
N SER C 212 -16.10 -8.61 -19.01
CA SER C 212 -16.74 -7.67 -18.11
C SER C 212 -18.24 -7.70 -18.32
N GLY C 213 -18.72 -8.74 -18.99
CA GLY C 213 -20.13 -8.86 -19.25
C GLY C 213 -20.80 -9.99 -18.48
N ALA C 214 -20.25 -10.32 -17.30
CA ALA C 214 -20.82 -11.38 -16.48
C ALA C 214 -20.75 -12.68 -17.27
N GLU C 215 -19.88 -12.71 -18.28
CA GLU C 215 -19.70 -13.87 -19.13
C GLU C 215 -18.72 -14.89 -18.54
N LEU C 216 -18.29 -14.63 -17.31
CA LEU C 216 -17.36 -15.52 -16.65
C LEU C 216 -17.95 -16.03 -15.36
N GLU C 217 -19.23 -15.73 -15.15
CA GLU C 217 -19.91 -16.13 -13.93
C GLU C 217 -20.92 -17.26 -14.09
N TRP C 218 -21.09 -17.76 -15.32
CA TRP C 218 -22.08 -18.81 -15.51
C TRP C 218 -21.60 -20.12 -16.15
N ASN C 219 -20.34 -20.47 -15.93
CA ASN C 219 -19.80 -21.71 -16.49
C ASN C 219 -20.02 -21.81 -17.99
N LEU C 220 -20.23 -20.67 -18.63
CA LEU C 220 -20.46 -20.68 -20.08
C LEU C 220 -21.74 -21.41 -20.45
N GLU C 221 -22.58 -21.66 -19.45
CA GLU C 221 -23.85 -22.34 -19.68
C GLU C 221 -24.87 -21.30 -20.12
N HIS C 222 -24.60 -20.68 -21.27
CA HIS C 222 -25.45 -19.63 -21.79
C HIS C 222 -26.77 -20.11 -22.37
N HIS C 223 -26.94 -21.42 -22.53
CA HIS C 223 -28.18 -21.95 -23.06
C HIS C 223 -29.34 -21.70 -22.08
N HIS C 224 -29.03 -21.27 -20.85
CA HIS C 224 -30.07 -20.98 -19.87
C HIS C 224 -30.38 -19.48 -19.81
N HIS C 225 -29.68 -18.70 -20.62
CA HIS C 225 -29.86 -17.25 -20.65
C HIS C 225 -30.82 -16.79 -21.74
N HIS C 226 -31.39 -17.74 -22.48
CA HIS C 226 -32.36 -17.37 -23.51
C HIS C 226 -33.38 -18.49 -23.58
N HIS C 227 -34.52 -18.22 -24.21
CA HIS C 227 -35.58 -19.21 -24.32
C HIS C 227 -35.97 -19.38 -25.79
N THR D 35 23.64 -1.01 -10.02
CA THR D 35 23.94 -0.21 -11.25
C THR D 35 22.83 -0.39 -12.28
N PRO D 36 22.46 0.70 -12.98
CA PRO D 36 23.04 2.05 -12.86
C PRO D 36 22.57 2.78 -11.60
N LYS D 37 23.51 3.16 -10.74
CA LYS D 37 23.16 3.88 -9.52
C LYS D 37 22.54 5.23 -9.85
N VAL D 38 21.42 5.53 -9.18
CA VAL D 38 20.71 6.78 -9.42
C VAL D 38 20.55 7.56 -8.13
N PHE D 39 20.80 8.87 -8.19
CA PHE D 39 20.66 9.73 -7.02
C PHE D 39 19.31 10.42 -7.05
N VAL D 40 18.51 10.20 -6.02
CA VAL D 40 17.18 10.81 -5.93
C VAL D 40 17.01 11.56 -4.62
N GLY D 41 15.82 12.08 -4.38
CA GLY D 41 15.56 12.82 -3.15
C GLY D 41 14.48 13.86 -3.34
N TYR D 42 13.46 13.82 -2.49
CA TYR D 42 12.36 14.75 -2.55
C TYR D 42 12.79 16.02 -1.80
N SER D 43 12.50 17.19 -2.39
CA SER D 43 12.91 18.45 -1.76
C SER D 43 11.76 19.42 -1.59
N ILE D 44 11.71 20.06 -0.43
CA ILE D 44 10.68 21.06 -0.12
C ILE D 44 11.39 22.39 0.11
N TYR D 45 11.21 23.33 -0.81
CA TYR D 45 11.84 24.65 -0.69
C TYR D 45 10.86 25.68 -0.13
N LYS D 46 11.26 26.34 0.97
CA LYS D 46 10.42 27.36 1.59
C LYS D 46 11.12 28.72 1.79
N GLY D 47 10.40 29.67 2.38
CA GLY D 47 10.96 31.00 2.61
C GLY D 47 12.22 31.05 3.46
N LYS D 48 12.18 30.45 4.64
CA LYS D 48 13.33 30.44 5.54
C LYS D 48 14.32 29.28 5.33
N ALA D 49 13.86 28.18 4.75
CA ALA D 49 14.76 27.04 4.55
C ALA D 49 14.32 26.01 3.51
N ALA D 50 15.22 25.07 3.23
CA ALA D 50 14.98 24.00 2.28
C ALA D 50 15.22 22.64 2.97
N LEU D 51 14.51 21.61 2.52
CA LEU D 51 14.65 20.27 3.09
C LEU D 51 14.70 19.20 1.98
N THR D 52 15.72 18.36 2.02
CA THR D 52 15.85 17.26 1.05
C THR D 52 15.76 15.95 1.82
N VAL D 53 15.05 14.99 1.25
CA VAL D 53 14.86 13.68 1.89
C VAL D 53 15.30 12.58 0.95
N GLU D 54 16.21 11.71 1.39
CA GLU D 54 16.67 10.63 0.53
C GLU D 54 16.90 9.32 1.27
N PRO D 55 16.56 8.18 0.64
CA PRO D 55 16.76 6.89 1.29
C PRO D 55 18.21 6.39 1.21
N ARG D 56 18.65 5.72 2.27
CA ARG D 56 20.01 5.17 2.34
C ARG D 56 19.92 3.65 2.52
N SER D 57 20.69 2.93 1.73
CA SER D 57 20.69 1.47 1.74
C SER D 57 21.02 0.74 3.05
N PRO D 58 20.41 -0.43 3.26
CA PRO D 58 20.69 -1.22 4.47
C PRO D 58 22.00 -1.93 4.11
N GLU D 59 22.59 -2.65 5.05
CA GLU D 59 23.83 -3.38 4.76
C GLU D 59 23.66 -4.86 5.07
N PHE D 60 24.37 -5.70 4.31
CA PHE D 60 24.30 -7.14 4.48
C PHE D 60 25.68 -7.76 4.75
N SER D 61 25.68 -8.94 5.37
CA SER D 61 26.92 -9.65 5.68
C SER D 61 26.78 -11.13 5.28
N PRO D 62 27.87 -11.73 4.79
CA PRO D 62 27.87 -13.13 4.36
C PRO D 62 27.67 -14.22 5.42
N LEU D 63 26.93 -15.24 5.02
CA LEU D 63 26.65 -16.41 5.85
C LEU D 63 27.17 -17.58 5.01
N ASP D 64 26.82 -18.81 5.38
CA ASP D 64 27.26 -19.98 4.62
C ASP D 64 26.38 -20.20 3.39
N SER D 65 26.84 -21.11 2.54
CA SER D 65 26.13 -21.48 1.33
C SER D 65 25.75 -20.32 0.41
N GLY D 66 26.51 -19.24 0.46
CA GLY D 66 26.22 -18.11 -0.40
C GLY D 66 24.96 -17.31 -0.05
N ALA D 67 24.58 -17.36 1.24
CA ALA D 67 23.41 -16.63 1.72
C ALA D 67 23.91 -15.37 2.43
N PHE D 68 22.97 -14.49 2.75
CA PHE D 68 23.32 -13.25 3.41
C PHE D 68 22.39 -12.91 4.57
N LYS D 69 22.87 -12.01 5.41
CA LYS D 69 22.15 -11.57 6.59
C LYS D 69 22.12 -10.04 6.53
N LEU D 70 21.01 -9.45 6.91
CA LEU D 70 20.87 -8.00 6.95
C LEU D 70 21.68 -7.64 8.19
N SER D 71 22.76 -6.87 8.02
CA SER D 71 23.59 -6.49 9.15
C SER D 71 23.32 -5.11 9.70
N ARG D 72 22.73 -4.25 8.87
CA ARG D 72 22.37 -2.90 9.27
C ARG D 72 21.17 -2.38 8.47
N GLU D 73 20.17 -1.89 9.19
CA GLU D 73 18.98 -1.36 8.54
C GLU D 73 19.32 -0.12 7.73
N GLY D 74 18.55 0.11 6.68
CA GLY D 74 18.73 1.30 5.89
C GLY D 74 18.04 2.40 6.70
N MET D 75 18.11 3.64 6.21
CA MET D 75 17.48 4.76 6.91
C MET D 75 17.16 5.83 5.88
N VAL D 76 16.56 6.92 6.33
CA VAL D 76 16.25 8.03 5.47
C VAL D 76 17.08 9.20 5.94
N MET D 77 17.73 9.91 5.03
CA MET D 77 18.55 11.07 5.41
C MET D 77 17.86 12.39 5.12
N LEU D 78 17.81 13.28 6.11
CA LEU D 78 17.21 14.60 5.93
C LEU D 78 18.33 15.64 5.91
N GLN D 79 18.24 16.59 5.00
CA GLN D 79 19.25 17.64 4.93
C GLN D 79 18.55 19.00 4.95
N PHE D 80 18.84 19.78 5.98
CA PHE D 80 18.27 21.12 6.15
C PHE D 80 19.25 22.20 5.70
N ALA D 81 18.76 23.21 5.00
CA ALA D 81 19.60 24.31 4.54
C ALA D 81 18.88 25.66 4.71
N PRO D 82 19.57 26.69 5.24
CA PRO D 82 18.96 28.01 5.42
C PRO D 82 18.87 28.79 4.11
N ALA D 83 17.91 29.72 4.04
CA ALA D 83 17.71 30.54 2.83
C ALA D 83 18.86 31.52 2.61
N ALA D 84 19.34 31.60 1.37
CA ALA D 84 20.44 32.49 1.03
C ALA D 84 19.95 33.82 0.46
N GLY D 85 20.09 33.98 -0.86
CA GLY D 85 19.67 35.21 -1.51
C GLY D 85 18.57 35.06 -2.54
N VAL D 86 17.34 34.91 -2.08
CA VAL D 86 16.16 34.78 -2.95
C VAL D 86 16.19 33.57 -3.89
N ARG D 87 15.23 32.68 -3.68
CA ARG D 87 15.06 31.45 -4.46
C ARG D 87 16.22 30.46 -4.31
N GLN D 88 17.29 30.88 -3.66
CA GLN D 88 18.44 29.99 -3.46
C GLN D 88 18.76 29.78 -1.98
N TYR D 89 19.50 28.72 -1.68
CA TYR D 89 19.86 28.41 -0.31
C TYR D 89 21.36 28.14 -0.13
N ASP D 90 21.88 28.40 1.07
CA ASP D 90 23.30 28.17 1.36
C ASP D 90 23.52 26.74 1.84
N TRP D 91 23.81 25.83 0.91
CA TRP D 91 24.02 24.44 1.24
C TRP D 91 25.33 24.19 1.97
N SER D 92 26.16 25.23 2.10
CA SER D 92 27.43 25.12 2.81
C SER D 92 27.14 25.21 4.30
N ARG D 93 25.97 25.73 4.66
CA ARG D 93 25.59 25.83 6.06
C ARG D 93 24.55 24.74 6.41
N LYS D 94 24.46 23.72 5.56
CA LYS D 94 23.50 22.65 5.79
C LYS D 94 23.80 21.77 7.00
N GLN D 95 22.79 21.04 7.43
CA GLN D 95 22.88 20.14 8.58
C GLN D 95 22.07 18.89 8.25
N VAL D 96 22.56 17.72 8.62
CA VAL D 96 21.84 16.49 8.32
C VAL D 96 21.37 15.77 9.57
N PHE D 97 20.24 15.08 9.45
CA PHE D 97 19.65 14.32 10.54
C PHE D 97 19.07 13.06 9.90
N SER D 98 19.28 11.91 10.52
CA SER D 98 18.78 10.67 9.96
C SER D 98 17.50 10.22 10.65
N LEU D 99 16.69 9.44 9.92
CA LEU D 99 15.46 8.88 10.48
C LEU D 99 15.61 7.37 10.33
N SER D 100 15.61 6.65 11.44
CA SER D 100 15.72 5.20 11.38
C SER D 100 14.34 4.66 11.09
N VAL D 101 14.26 3.37 10.81
CA VAL D 101 12.97 2.74 10.54
C VAL D 101 11.93 3.09 11.61
N THR D 102 12.31 2.99 12.88
CA THR D 102 11.38 3.27 13.98
C THR D 102 10.94 4.73 14.03
N GLU D 103 11.88 5.64 13.78
CA GLU D 103 11.57 7.07 13.76
C GLU D 103 10.65 7.37 12.57
N ILE D 104 10.80 6.60 11.49
CA ILE D 104 9.94 6.80 10.34
C ILE D 104 8.55 6.33 10.76
N GLY D 105 8.52 5.37 11.68
CA GLY D 105 7.25 4.88 12.19
C GLY D 105 6.50 6.00 12.92
N SER D 106 7.23 6.90 13.58
CA SER D 106 6.59 8.00 14.29
C SER D 106 6.00 9.02 13.35
N ILE D 107 6.64 9.23 12.21
CA ILE D 107 6.13 10.20 11.26
C ILE D 107 4.87 9.69 10.56
N ILE D 108 4.90 8.45 10.11
CA ILE D 108 3.75 7.92 9.40
C ILE D 108 2.54 7.67 10.28
N SER D 109 2.72 7.77 11.59
CA SER D 109 1.63 7.56 12.53
C SER D 109 1.31 8.85 13.28
N LEU D 110 1.80 9.96 12.76
CA LEU D 110 1.61 11.27 13.36
C LEU D 110 0.26 11.87 12.99
N GLY D 111 -0.58 12.10 13.99
CA GLY D 111 -1.89 12.68 13.76
C GLY D 111 -1.83 14.17 13.51
N THR D 112 -2.91 14.71 12.93
CA THR D 112 -3.03 16.12 12.60
C THR D 112 -2.55 17.10 13.67
N LYS D 113 -2.72 16.76 14.94
CA LYS D 113 -2.28 17.65 16.00
C LYS D 113 -1.34 16.97 16.99
N ASP D 114 -0.63 15.94 16.51
CA ASP D 114 0.32 15.21 17.34
C ASP D 114 1.72 15.76 17.15
N SER D 115 2.65 15.30 17.98
CA SER D 115 4.04 15.73 17.91
C SER D 115 5.00 14.63 18.34
N CYS D 116 6.23 14.73 17.86
CA CYS D 116 7.27 13.76 18.21
C CYS D 116 8.61 14.48 18.22
N GLU D 117 9.54 13.97 19.01
CA GLU D 117 10.86 14.56 19.14
C GLU D 117 11.93 13.46 19.10
N PHE D 118 13.02 13.72 18.38
CA PHE D 118 14.09 12.75 18.27
C PHE D 118 15.41 13.36 18.74
N PHE D 119 16.08 12.68 19.67
CA PHE D 119 17.35 13.12 20.22
C PHE D 119 18.53 12.25 19.75
N HIS D 120 19.47 12.84 19.02
CA HIS D 120 20.66 12.10 18.56
C HIS D 120 21.94 12.65 19.19
N ASP D 121 22.66 11.79 19.92
CA ASP D 121 23.92 12.17 20.57
C ASP D 121 24.90 11.04 20.34
N PRO D 122 25.96 11.28 19.55
CA PRO D 122 26.94 10.22 19.29
C PRO D 122 27.68 9.69 20.52
N ASN D 123 27.56 10.41 21.63
CA ASN D 123 28.22 9.99 22.86
C ASN D 123 27.28 9.73 24.02
N LYS D 124 26.08 9.24 23.74
CA LYS D 124 25.13 8.96 24.81
C LYS D 124 25.76 7.93 25.75
N GLY D 125 25.65 8.17 27.05
CA GLY D 125 26.24 7.23 28.00
C GLY D 125 27.69 7.56 28.26
N ARG D 126 28.41 7.93 27.21
CA ARG D 126 29.83 8.27 27.35
C ARG D 126 29.95 9.45 28.29
N SER D 127 31.09 9.56 28.96
CA SER D 127 31.33 10.64 29.91
C SER D 127 31.15 12.02 29.30
N ASP D 128 31.50 12.17 28.03
CA ASP D 128 31.40 13.46 27.35
C ASP D 128 30.12 13.68 26.54
N GLU D 129 29.02 13.09 26.99
CA GLU D 129 27.75 13.23 26.28
C GLU D 129 27.16 14.63 26.51
N GLY D 130 26.31 15.06 25.59
CA GLY D 130 25.70 16.36 25.70
C GLY D 130 26.56 17.49 25.17
N ARG D 131 27.73 17.15 24.61
CA ARG D 131 28.63 18.16 24.07
C ARG D 131 28.29 18.46 22.62
N VAL D 132 27.95 17.43 21.85
CA VAL D 132 27.55 17.60 20.46
C VAL D 132 26.30 16.78 20.24
N ARG D 133 25.22 17.44 19.87
CA ARG D 133 23.97 16.72 19.65
C ARG D 133 23.02 17.41 18.70
N LYS D 134 22.00 16.67 18.29
CA LYS D 134 20.98 17.20 17.39
C LYS D 134 19.62 16.71 17.88
N VAL D 135 18.64 17.58 17.79
CA VAL D 135 17.30 17.24 18.19
C VAL D 135 16.36 17.66 17.07
N LEU D 136 15.45 16.77 16.71
CA LEU D 136 14.49 17.03 15.67
C LEU D 136 13.11 16.97 16.30
N LYS D 137 12.34 18.04 16.10
CA LYS D 137 11.01 18.11 16.67
C LYS D 137 10.01 18.34 15.54
N VAL D 138 8.91 17.59 15.59
CA VAL D 138 7.87 17.67 14.59
C VAL D 138 6.54 17.97 15.30
N GLU D 139 6.08 19.21 15.18
CA GLU D 139 4.84 19.65 15.81
C GLU D 139 3.90 20.26 14.78
N PRO D 140 2.60 20.35 15.08
CA PRO D 140 1.65 20.94 14.13
C PRO D 140 1.74 22.45 14.08
N LEU D 141 1.41 23.02 12.92
CA LEU D 141 1.43 24.46 12.73
C LEU D 141 0.28 25.06 13.53
N PRO D 142 0.44 26.32 13.98
CA PRO D 142 -0.60 27.01 14.76
C PRO D 142 -2.00 26.85 14.20
N ASP D 143 -2.18 27.16 12.93
CA ASP D 143 -3.48 27.05 12.30
C ASP D 143 -4.01 25.62 12.18
N GLY D 144 -3.15 24.69 11.76
CA GLY D 144 -3.54 23.30 11.61
C GLY D 144 -3.46 22.85 10.16
N SER D 145 -2.68 23.57 9.38
CA SER D 145 -2.53 23.27 7.95
C SER D 145 -1.30 22.40 7.67
N GLY D 146 -0.69 21.85 8.73
CA GLY D 146 0.48 21.02 8.54
C GLY D 146 1.36 20.88 9.77
N HIS D 147 2.63 20.59 9.56
CA HIS D 147 3.56 20.43 10.66
C HIS D 147 4.87 21.16 10.42
N PHE D 148 5.55 21.48 11.50
CA PHE D 148 6.84 22.14 11.48
C PHE D 148 7.89 21.04 11.63
N PHE D 149 9.00 21.17 10.91
CA PHE D 149 10.13 20.24 11.04
C PHE D 149 11.18 21.19 11.57
N ASN D 150 11.51 21.03 12.85
CA ASN D 150 12.47 21.90 13.54
C ASN D 150 13.73 21.16 13.98
N LEU D 151 14.85 21.48 13.35
CA LEU D 151 16.12 20.84 13.67
C LEU D 151 17.05 21.73 14.48
N SER D 152 17.49 21.21 15.62
CA SER D 152 18.38 21.93 16.51
C SER D 152 19.74 21.24 16.53
N VAL D 153 20.80 22.01 16.29
CA VAL D 153 22.17 21.47 16.29
C VAL D 153 23.03 22.22 17.30
N GLN D 154 23.65 21.47 18.20
CA GLN D 154 24.52 22.08 19.21
C GLN D 154 25.89 21.41 19.17
N ASN D 155 26.93 22.25 19.27
CA ASN D 155 28.30 21.77 19.29
C ASN D 155 29.04 22.68 20.28
N LYS D 156 29.10 22.27 21.54
CA LYS D 156 29.78 23.06 22.58
C LYS D 156 31.27 23.28 22.36
N LEU D 157 31.91 22.40 21.60
CA LEU D 157 33.34 22.56 21.35
C LEU D 157 33.62 23.86 20.59
N ILE D 158 32.71 24.26 19.73
CA ILE D 158 32.89 25.49 18.97
C ILE D 158 31.73 26.45 19.22
N ASN D 159 31.06 26.27 20.36
CA ASN D 159 29.93 27.11 20.75
C ASN D 159 28.86 27.28 19.68
N LEU D 160 28.61 26.23 18.90
CA LEU D 160 27.60 26.30 17.83
C LEU D 160 26.22 25.97 18.39
N ASP D 161 25.21 26.71 17.96
CA ASP D 161 23.85 26.46 18.42
C ASP D 161 22.85 26.85 17.34
N GLU D 162 22.92 26.15 16.22
CA GLU D 162 22.03 26.40 15.09
C GLU D 162 20.64 25.80 15.28
N ASN D 163 19.67 26.37 14.56
CA ASN D 163 18.29 25.92 14.63
C ASN D 163 17.61 26.27 13.32
N ILE D 164 17.24 25.24 12.57
CA ILE D 164 16.57 25.46 11.29
C ILE D 164 15.20 24.79 11.33
N TYR D 165 14.17 25.53 10.93
CA TYR D 165 12.83 24.98 10.91
C TYR D 165 12.17 25.31 9.60
N ILE D 166 11.34 24.39 9.13
CA ILE D 166 10.65 24.55 7.86
C ILE D 166 9.25 23.95 8.03
N PRO D 167 8.24 24.64 7.53
CA PRO D 167 6.87 24.13 7.63
C PRO D 167 6.55 23.24 6.44
N VAL D 168 5.84 22.15 6.66
CA VAL D 168 5.47 21.28 5.55
C VAL D 168 3.95 21.11 5.56
N THR D 169 3.33 21.50 4.44
CA THR D 169 1.88 21.43 4.29
C THR D 169 1.36 20.00 4.41
N LYS D 170 0.06 19.86 4.59
CA LYS D 170 -0.56 18.55 4.70
C LYS D 170 -0.32 17.73 3.44
N ALA D 171 -0.33 18.41 2.29
CA ALA D 171 -0.12 17.75 1.00
C ALA D 171 1.32 17.24 0.91
N GLU D 172 2.26 18.06 1.35
CA GLU D 172 3.68 17.70 1.30
C GLU D 172 3.97 16.60 2.32
N PHE D 173 3.25 16.62 3.43
CA PHE D 173 3.43 15.62 4.46
C PHE D 173 2.95 14.27 3.89
N ALA D 174 1.92 14.33 3.06
CA ALA D 174 1.35 13.14 2.45
C ALA D 174 2.27 12.50 1.43
N VAL D 175 3.11 13.30 0.78
CA VAL D 175 4.04 12.76 -0.18
C VAL D 175 5.08 11.98 0.64
N LEU D 176 5.46 12.55 1.76
CA LEU D 176 6.42 11.94 2.67
C LEU D 176 5.91 10.59 3.21
N VAL D 177 4.66 10.59 3.66
CA VAL D 177 4.07 9.37 4.21
C VAL D 177 3.98 8.25 3.16
N SER D 178 3.63 8.63 1.93
CA SER D 178 3.52 7.65 0.86
C SER D 178 4.90 7.07 0.52
N ALA D 179 5.89 7.95 0.47
CA ALA D 179 7.27 7.57 0.15
C ALA D 179 7.90 6.75 1.28
N PHE D 180 7.59 7.11 2.53
CA PHE D 180 8.14 6.35 3.64
C PHE D 180 7.54 4.96 3.69
N ASN D 181 6.24 4.84 3.39
CA ASN D 181 5.58 3.55 3.41
C ASN D 181 6.10 2.63 2.34
N PHE D 182 6.42 3.21 1.19
CA PHE D 182 6.98 2.44 0.10
C PHE D 182 8.38 1.92 0.43
N VAL D 183 9.22 2.82 0.93
CA VAL D 183 10.62 2.52 1.21
C VAL D 183 10.95 1.68 2.46
N MET D 184 10.15 1.75 3.51
CA MET D 184 10.45 1.01 4.74
C MET D 184 10.76 -0.48 4.56
N PRO D 185 9.93 -1.21 3.79
CA PRO D 185 10.21 -2.63 3.59
C PRO D 185 11.61 -2.85 3.00
N TYR D 186 12.02 -1.92 2.14
CA TYR D 186 13.34 -2.02 1.52
C TYR D 186 14.43 -1.66 2.51
N LEU D 187 14.15 -0.75 3.43
CA LEU D 187 15.15 -0.36 4.41
C LEU D 187 15.41 -1.53 5.37
N LEU D 188 14.41 -2.40 5.51
CA LEU D 188 14.53 -3.59 6.36
C LEU D 188 15.01 -4.76 5.52
N GLY D 189 15.17 -4.53 4.22
CA GLY D 189 15.61 -5.58 3.32
C GLY D 189 14.60 -6.69 3.05
N TRP D 190 13.34 -6.52 3.46
CA TRP D 190 12.33 -7.53 3.25
C TRP D 190 12.07 -7.88 1.79
N HIS D 191 12.41 -6.96 0.88
CA HIS D 191 12.22 -7.21 -0.55
C HIS D 191 13.20 -8.28 -1.03
N THR D 192 14.39 -8.35 -0.44
CA THR D 192 15.36 -9.35 -0.87
C THR D 192 14.93 -10.71 -0.36
N ALA D 193 14.19 -10.72 0.75
CA ALA D 193 13.72 -11.98 1.32
C ALA D 193 12.54 -12.56 0.56
N VAL D 194 11.55 -11.73 0.20
CA VAL D 194 10.36 -12.22 -0.49
C VAL D 194 10.56 -12.51 -1.97
N ASN D 195 11.58 -11.91 -2.56
CA ASN D 195 11.86 -12.15 -3.97
C ASN D 195 12.30 -13.59 -4.21
N SER D 196 12.45 -14.35 -3.13
CA SER D 196 12.85 -15.76 -3.22
C SER D 196 11.63 -16.65 -2.90
N PHE D 197 10.49 -16.04 -2.65
CA PHE D 197 9.27 -16.77 -2.35
C PHE D 197 8.62 -17.23 -3.66
N LYS D 198 9.39 -17.95 -4.48
CA LYS D 198 8.92 -18.44 -5.78
C LYS D 198 8.94 -19.97 -5.86
N PRO D 199 8.16 -20.54 -6.81
CA PRO D 199 8.09 -22.00 -7.00
C PRO D 199 9.44 -22.73 -7.08
N GLU D 200 10.44 -22.07 -7.67
CA GLU D 200 11.75 -22.70 -7.79
C GLU D 200 12.79 -21.94 -6.96
N GLY D 213 3.91 -25.80 13.98
CA GLY D 213 3.90 -25.89 12.53
C GLY D 213 5.23 -26.37 11.99
N ALA D 214 6.13 -26.71 12.91
CA ALA D 214 7.46 -27.20 12.59
C ALA D 214 8.10 -27.50 13.93
N GLU D 215 7.29 -27.34 14.98
CA GLU D 215 7.76 -27.57 16.33
C GLU D 215 6.52 -27.77 17.20
N LEU D 216 6.59 -28.69 18.16
CA LEU D 216 5.45 -28.94 19.03
C LEU D 216 5.29 -27.79 20.02
N GLU D 217 4.61 -26.73 19.59
CA GLU D 217 4.40 -25.57 20.44
C GLU D 217 2.98 -25.53 20.98
#